data_9ETP
#
_entry.id   9ETP
#
_cell.length_a   73.864
_cell.length_b   133.717
_cell.length_c   147.866
_cell.angle_alpha   90
_cell.angle_beta   90
_cell.angle_gamma   90
#
_symmetry.space_group_name_H-M   'P 21 21 21'
#
loop_
_entity.id
_entity.type
_entity.pdbx_description
1 polymer 'Cyclin-dependent kinase 2'
2 polymer Cyclin-A2
3 non-polymer 4-bromo-1H-pyrazole
4 water water
#
loop_
_entity_poly.entity_id
_entity_poly.type
_entity_poly.pdbx_seq_one_letter_code
_entity_poly.pdbx_strand_id
1 'polypeptide(L)'
;GPGSMENFQKVEKIGEGTYGVVYKARNKLTGEVVALKKIRLDTETEGVPSTAIREISLLKELNHPNIVKLLDVIHTENKL
YLVFEFLHQDLKKFMDASALTGIPLPLIKSYLFQLLQGLAFCHSHRVLHRDLKPQNLLINTEGAIKLADFGLARAFGVPV
RTY(TPO)HEVVTLWYRAPEILLGCKYYSTAVDIWSLGCIFAEMVTRRALFPGDSEIDQLFRIFRTLGTPDEVVWPGVTS
MPDYKPSFPKWARQDFSKVVPPLDEDGRSLLSQMLHYDPNKRISAKAALAHPFFQDVTKPVPHLRL
;
A,C
2 'polypeptide(L)'
;GVNEVPDYHEDIHTYLREMEVKCKPKVGYMKKQPDITNSMRAILVDWLVEVGEEYKLQNETLHLAVNYIDRFLSSMSVLR
GKLQLVGTAAMLLASKFEEIYPPEVAEFVYITDDTYTKKQVLRMEHLVLKVLAFDLAAPTINQFLTQYFLHQQPANCKVE
SLAMFLGELSLIDADPYLKYLPSVIAAAAFHLALYTVTGQSWPESLVQKTGYTLETLKPCLLDLHQTYLRAPQHAQQSIR
EKYKNSKYHGVSLLNPPETLNVHHHHHH
;
B,D
#
loop_
_chem_comp.id
_chem_comp.type
_chem_comp.name
_chem_comp.formula
BYZ non-polymer 4-bromo-1H-pyrazole 'C3 H3 Br N2'
#
# COMPACT_ATOMS: atom_id res chain seq x y z
N PRO A 2 5.11 -6.65 8.57
CA PRO A 2 6.00 -7.19 7.54
C PRO A 2 7.12 -8.12 8.02
N GLY A 3 7.61 -7.88 9.23
CA GLY A 3 8.64 -8.76 9.79
C GLY A 3 8.27 -9.36 11.15
N SER A 4 9.22 -10.05 11.78
CA SER A 4 9.01 -10.69 13.11
C SER A 4 10.35 -10.68 13.85
N MET A 5 10.34 -10.78 15.18
CA MET A 5 11.61 -10.62 15.95
C MET A 5 12.48 -11.90 15.91
N GLU A 6 11.89 -13.03 15.54
CA GLU A 6 12.65 -14.30 15.44
C GLU A 6 13.77 -14.16 14.42
N ASN A 7 13.53 -13.47 13.31
CA ASN A 7 14.56 -13.40 12.23
C ASN A 7 15.64 -12.36 12.56
N PHE A 8 15.59 -11.74 13.74
CA PHE A 8 16.64 -10.80 14.08
C PHE A 8 17.54 -11.37 15.18
N GLN A 9 18.85 -11.31 14.93
CA GLN A 9 19.88 -11.65 15.90
C GLN A 9 20.41 -10.36 16.52
N LYS A 10 20.26 -10.24 17.85
CA LYS A 10 20.77 -9.09 18.57
C LYS A 10 22.29 -9.18 18.60
N VAL A 11 23.00 -8.10 18.25
CA VAL A 11 24.44 -8.10 18.17
C VAL A 11 25.04 -7.42 19.41
N GLU A 12 24.73 -6.14 19.63
CA GLU A 12 25.27 -5.43 20.77
C GLU A 12 24.49 -4.13 20.96
N LYS A 13 24.61 -3.55 22.17
CA LYS A 13 23.98 -2.27 22.42
C LYS A 13 24.73 -1.24 21.59
N ILE A 14 24.00 -0.38 20.89
CA ILE A 14 24.56 0.68 20.09
C ILE A 14 24.58 1.95 20.93
N GLY A 15 23.43 2.25 21.55
CA GLY A 15 23.16 3.56 22.12
C GLY A 15 21.93 3.51 23.02
N GLU A 16 21.39 4.68 23.33
CA GLU A 16 20.28 4.84 24.25
C GLU A 16 19.49 6.05 23.82
N GLY A 17 18.25 5.83 23.39
CA GLY A 17 17.50 6.86 22.69
C GLY A 17 16.28 7.28 23.51
N THR A 18 15.22 7.65 22.80
CA THR A 18 14.02 8.17 23.44
C THR A 18 13.24 7.05 24.14
N TYR A 19 13.48 5.80 23.74
CA TYR A 19 12.66 4.67 24.20
C TYR A 19 13.52 3.72 25.02
N GLY A 20 14.66 4.24 25.47
CA GLY A 20 15.67 3.41 26.08
C GLY A 20 16.63 2.96 24.99
N VAL A 21 17.23 1.79 25.20
CA VAL A 21 18.36 1.31 24.36
C VAL A 21 18.07 1.08 22.88
N VAL A 22 19.07 1.33 22.05
CA VAL A 22 18.98 1.01 20.61
C VAL A 22 19.96 -0.16 20.44
N TYR A 23 19.59 -1.15 19.66
CA TYR A 23 20.44 -2.36 19.55
C TYR A 23 20.81 -2.63 18.11
N LYS A 24 22.07 -2.99 17.88
CA LYS A 24 22.47 -3.41 16.53
C LYS A 24 22.03 -4.86 16.37
N ALA A 25 21.35 -5.17 15.29
CA ALA A 25 20.99 -6.56 15.06
C ALA A 25 21.18 -6.91 13.59
N ARG A 26 21.03 -8.20 13.29
CA ARG A 26 21.24 -8.73 11.97
C ARG A 26 20.05 -9.59 11.58
N ASN A 27 19.51 -9.35 10.38
CA ASN A 27 18.43 -10.24 9.88
C ASN A 27 19.08 -11.53 9.41
N LYS A 28 18.81 -12.66 10.08
CA LYS A 28 19.52 -13.93 9.75
C LYS A 28 19.15 -14.44 8.34
N LEU A 29 18.06 -13.97 7.75
CA LEU A 29 17.63 -14.53 6.43
C LEU A 29 18.23 -13.73 5.27
N THR A 30 18.28 -12.40 5.38
CA THR A 30 18.75 -11.56 4.29
C THR A 30 20.20 -11.15 4.55
N GLY A 31 20.62 -11.14 5.83
CA GLY A 31 21.96 -10.69 6.19
C GLY A 31 21.98 -9.20 6.49
N GLU A 32 20.84 -8.51 6.40
CA GLU A 32 20.87 -7.07 6.59
C GLU A 32 21.13 -6.74 8.06
N VAL A 33 21.94 -5.71 8.29
CA VAL A 33 22.20 -5.23 9.65
C VAL A 33 21.32 -4.01 9.88
N VAL A 34 20.62 -4.00 11.02
CA VAL A 34 19.58 -3.02 11.33
C VAL A 34 19.83 -2.47 12.72
N ALA A 35 19.16 -1.36 13.02
CA ALA A 35 19.08 -0.91 14.40
C ALA A 35 17.64 -1.08 14.86
N LEU A 36 17.47 -1.57 16.09
CA LEU A 36 16.18 -1.80 16.72
C LEU A 36 16.01 -0.81 17.86
N LYS A 37 14.97 0.03 17.80
CA LYS A 37 14.47 0.75 18.96
C LYS A 37 13.32 -0.07 19.54
N LYS A 38 13.32 -0.26 20.86
CA LYS A 38 12.26 -1.02 21.51
C LYS A 38 11.46 -0.03 22.37
N ILE A 39 10.14 -0.09 22.25
CA ILE A 39 9.23 0.81 23.02
C ILE A 39 8.30 -0.11 23.81
N ARG A 40 8.48 -0.14 25.13
CA ARG A 40 7.62 -1.00 26.00
C ARG A 40 6.25 -0.35 26.11
N LEU A 41 5.23 -0.99 25.56
CA LEU A 41 3.89 -0.38 25.55
C LEU A 41 3.11 -0.84 26.80
N THR A 45 1.50 2.79 29.35
CA THR A 45 0.66 3.29 30.48
C THR A 45 -0.29 4.41 30.04
N GLU A 46 0.19 5.19 29.05
CA GLU A 46 -0.58 6.24 28.39
C GLU A 46 -0.75 5.84 26.93
N GLY A 47 -0.66 4.53 26.65
CA GLY A 47 -0.75 3.98 25.31
C GLY A 47 0.52 4.25 24.50
N VAL A 48 0.45 4.10 23.18
CA VAL A 48 1.64 4.40 22.39
C VAL A 48 2.03 5.87 22.63
N PRO A 49 3.31 6.16 22.99
CA PRO A 49 3.71 7.54 23.23
C PRO A 49 3.71 8.43 21.99
N SER A 50 3.23 9.66 22.16
CA SER A 50 3.11 10.60 21.06
C SER A 50 4.41 10.72 20.28
N THR A 51 5.55 10.61 20.97
N THR A 51 5.53 10.60 20.98
CA THR A 51 6.85 10.72 20.31
CA THR A 51 6.86 10.69 20.38
C THR A 51 6.99 9.64 19.24
C THR A 51 6.97 9.65 19.26
N ALA A 52 6.55 8.42 19.56
CA ALA A 52 6.70 7.31 18.65
C ALA A 52 5.68 7.44 17.52
N ILE A 53 4.43 7.85 17.87
CA ILE A 53 3.36 8.20 16.93
C ILE A 53 3.91 9.14 15.84
N ARG A 54 4.66 10.16 16.26
CA ARG A 54 5.17 11.12 15.29
C ARG A 54 6.37 10.52 14.55
N GLU A 55 7.25 9.81 15.27
CA GLU A 55 8.48 9.37 14.65
C GLU A 55 8.11 8.41 13.52
N ILE A 56 7.25 7.45 13.83
CA ILE A 56 6.91 6.40 12.89
C ILE A 56 6.10 7.03 11.76
N SER A 57 5.10 7.87 12.05
CA SER A 57 4.22 8.34 10.98
C SER A 57 4.93 9.31 10.02
N LEU A 58 5.86 10.12 10.55
CA LEU A 58 6.65 11.04 9.74
C LEU A 58 7.74 10.32 8.97
N LEU A 59 8.39 9.32 9.57
CA LEU A 59 9.46 8.60 8.87
C LEU A 59 8.92 7.72 7.75
N LYS A 60 7.69 7.20 7.90
CA LYS A 60 7.11 6.35 6.88
C LYS A 60 7.12 7.06 5.53
N GLU A 61 6.78 8.36 5.52
CA GLU A 61 6.70 9.22 4.34
C GLU A 61 8.05 9.81 3.88
N LEU A 62 9.07 9.84 4.74
CA LEU A 62 10.29 10.55 4.40
C LEU A 62 11.34 9.59 3.83
N ASN A 63 11.15 9.14 2.58
N ASN A 63 11.11 9.07 2.61
CA ASN A 63 12.13 8.26 1.99
CA ASN A 63 12.11 8.28 1.91
C ASN A 63 13.11 9.10 1.17
C ASN A 63 13.08 9.23 1.22
N HIS A 64 14.33 9.24 1.69
CA HIS A 64 15.36 10.07 1.09
C HIS A 64 16.73 9.52 1.49
N PRO A 65 17.77 9.59 0.64
CA PRO A 65 19.05 8.97 1.00
C PRO A 65 19.77 9.63 2.18
N ASN A 66 19.29 10.80 2.63
CA ASN A 66 19.93 11.52 3.73
C ASN A 66 18.98 11.63 4.92
N ILE A 67 17.96 10.75 4.96
CA ILE A 67 17.20 10.50 6.17
C ILE A 67 17.24 8.99 6.47
N VAL A 68 17.50 8.61 7.73
N VAL A 68 17.51 8.63 7.73
CA VAL A 68 17.59 7.20 8.08
CA VAL A 68 17.42 7.25 8.19
C VAL A 68 16.26 6.51 7.79
C VAL A 68 16.18 6.60 7.61
N LYS A 69 16.35 5.36 7.11
CA LYS A 69 15.20 4.58 6.68
C LYS A 69 14.68 3.81 7.86
N LEU A 70 13.42 4.10 8.23
CA LEU A 70 12.55 3.21 8.96
C LEU A 70 12.17 2.06 8.04
N LEU A 71 12.64 0.87 8.38
CA LEU A 71 12.48 -0.30 7.53
C LEU A 71 11.15 -0.99 7.79
N ASP A 72 10.73 -1.01 9.06
CA ASP A 72 9.62 -1.82 9.49
C ASP A 72 9.20 -1.38 10.89
N VAL A 73 7.98 -1.74 11.30
CA VAL A 73 7.55 -1.61 12.67
C VAL A 73 6.92 -2.94 13.04
N ILE A 74 7.45 -3.60 14.09
CA ILE A 74 6.96 -4.91 14.47
C ILE A 74 6.21 -4.77 15.78
N HIS A 75 4.95 -5.20 15.80
CA HIS A 75 4.11 -5.13 17.03
C HIS A 75 4.00 -6.51 17.66
N THR A 76 4.87 -6.81 18.63
CA THR A 76 4.79 -8.10 19.31
C THR A 76 3.90 -7.95 20.52
N GLU A 77 4.20 -8.65 21.61
CA GLU A 77 3.32 -8.62 22.80
C GLU A 77 3.72 -7.48 23.75
N ASN A 78 2.82 -6.53 23.99
CA ASN A 78 3.09 -5.43 24.95
C ASN A 78 4.35 -4.67 24.53
N LYS A 79 4.77 -4.84 23.27
CA LYS A 79 6.02 -4.23 22.83
C LYS A 79 5.93 -3.80 21.37
N LEU A 80 6.62 -2.71 21.05
CA LEU A 80 6.73 -2.22 19.68
C LEU A 80 8.21 -2.02 19.30
N TYR A 81 8.61 -2.58 18.14
CA TYR A 81 9.98 -2.50 17.67
C TYR A 81 10.05 -1.72 16.36
N LEU A 82 10.94 -0.73 16.35
CA LEU A 82 11.27 0.04 15.17
C LEU A 82 12.56 -0.52 14.58
N VAL A 83 12.53 -0.90 13.30
CA VAL A 83 13.70 -1.41 12.62
C VAL A 83 14.25 -0.33 11.68
N PHE A 84 15.44 0.22 12.01
CA PHE A 84 16.03 1.20 11.11
C PHE A 84 17.21 0.59 10.35
N GLU A 85 17.63 1.26 9.25
CA GLU A 85 18.88 0.89 8.62
C GLU A 85 20.02 1.19 9.60
N PHE A 86 21.07 0.35 9.61
CA PHE A 86 22.24 0.56 10.46
C PHE A 86 23.24 1.53 9.83
N LEU A 87 23.68 2.52 10.61
CA LEU A 87 24.79 3.42 10.33
C LEU A 87 25.83 3.24 11.45
N HIS A 88 27.09 3.06 11.06
N HIS A 88 27.10 3.06 11.07
CA HIS A 88 28.18 2.75 11.98
CA HIS A 88 28.15 2.74 12.02
C HIS A 88 28.30 3.77 13.10
C HIS A 88 28.28 3.78 13.12
N GLN A 89 28.48 5.05 12.80
CA GLN A 89 28.84 5.99 13.83
C GLN A 89 27.87 7.17 13.72
N ASP A 90 27.85 8.05 14.73
CA ASP A 90 27.27 9.38 14.61
C ASP A 90 28.35 10.46 14.39
N LEU A 91 27.93 11.70 14.18
CA LEU A 91 28.87 12.73 13.78
C LEU A 91 29.68 13.16 15.00
N LYS A 92 29.02 13.27 16.17
CA LYS A 92 29.76 13.62 17.38
C LYS A 92 30.97 12.69 17.53
N LYS A 93 30.76 11.38 17.51
CA LYS A 93 31.87 10.42 17.73
C LYS A 93 32.99 10.62 16.69
N PHE A 94 32.62 10.94 15.45
CA PHE A 94 33.58 11.13 14.39
C PHE A 94 34.34 12.46 14.54
N MET A 95 33.65 13.55 14.93
CA MET A 95 34.34 14.78 15.26
C MET A 95 35.40 14.51 16.33
N ASP A 96 35.10 13.69 17.34
CA ASP A 96 36.06 13.43 18.40
C ASP A 96 37.20 12.56 17.91
N ALA A 97 36.93 11.62 16.96
CA ALA A 97 37.98 10.79 16.38
C ALA A 97 38.91 11.59 15.45
N SER A 98 38.42 12.73 14.98
CA SER A 98 39.11 13.61 14.04
C SER A 98 39.92 14.71 14.71
N ALA A 99 40.21 14.60 16.02
CA ALA A 99 40.80 15.69 16.79
C ALA A 99 42.10 16.23 16.20
N LEU A 100 43.01 15.37 15.73
CA LEU A 100 44.35 15.84 15.41
C LEU A 100 44.44 16.24 13.93
N THR A 101 43.47 15.79 13.15
CA THR A 101 43.49 15.99 11.71
C THR A 101 42.55 17.16 11.36
N GLY A 102 41.53 17.34 12.20
CA GLY A 102 40.30 17.98 11.76
C GLY A 102 39.56 17.05 10.80
N ILE A 103 38.30 17.38 10.55
CA ILE A 103 37.62 16.80 9.42
C ILE A 103 38.16 17.46 8.15
N PRO A 104 38.64 16.70 7.14
CA PRO A 104 39.11 17.31 5.89
C PRO A 104 37.97 18.09 5.25
N LEU A 105 38.32 19.21 4.61
CA LEU A 105 37.34 20.16 4.07
C LEU A 105 36.40 19.46 3.09
N PRO A 106 36.92 18.56 2.18
CA PRO A 106 36.05 17.74 1.34
C PRO A 106 34.93 17.07 2.12
N LEU A 107 35.21 16.53 3.32
CA LEU A 107 34.18 15.90 4.14
C LEU A 107 33.24 16.92 4.78
N ILE A 108 33.78 18.03 5.28
CA ILE A 108 32.88 19.01 5.87
C ILE A 108 31.83 19.41 4.81
N LYS A 109 32.30 19.59 3.57
CA LYS A 109 31.49 20.12 2.49
C LYS A 109 30.47 19.07 2.03
N SER A 110 30.94 17.81 1.91
CA SER A 110 30.09 16.70 1.55
C SER A 110 29.01 16.52 2.58
N TYR A 111 29.40 16.59 3.86
CA TYR A 111 28.44 16.33 4.91
C TYR A 111 27.41 17.46 5.00
N LEU A 112 27.85 18.71 4.87
CA LEU A 112 26.92 19.83 4.98
C LEU A 112 25.91 19.78 3.82
N PHE A 113 26.40 19.56 2.61
CA PHE A 113 25.55 19.50 1.44
C PHE A 113 24.50 18.41 1.59
N GLN A 114 24.93 17.24 2.11
CA GLN A 114 24.00 16.13 2.34
C GLN A 114 22.98 16.52 3.41
N LEU A 115 23.44 17.17 4.48
CA LEU A 115 22.51 17.57 5.53
C LEU A 115 21.44 18.48 4.92
N LEU A 116 21.90 19.46 4.11
CA LEU A 116 20.98 20.41 3.50
C LEU A 116 19.99 19.68 2.59
N GLN A 117 20.46 18.66 1.86
CA GLN A 117 19.54 17.91 1.02
C GLN A 117 18.44 17.26 1.86
N GLY A 118 18.85 16.57 2.94
CA GLY A 118 17.96 15.86 3.84
C GLY A 118 16.95 16.82 4.46
N LEU A 119 17.42 18.01 4.84
CA LEU A 119 16.53 18.92 5.54
C LEU A 119 15.55 19.55 4.56
N ALA A 120 16.01 19.80 3.33
CA ALA A 120 15.14 20.47 2.37
C ALA A 120 13.98 19.53 2.07
N PHE A 121 14.32 18.23 2.01
CA PHE A 121 13.35 17.18 1.80
C PHE A 121 12.32 17.19 2.94
N CYS A 122 12.78 17.21 4.20
CA CYS A 122 11.91 17.38 5.35
C CYS A 122 10.98 18.58 5.16
N HIS A 123 11.55 19.75 4.85
CA HIS A 123 10.80 20.97 4.79
C HIS A 123 9.80 20.91 3.64
N SER A 124 10.19 20.27 2.53
CA SER A 124 9.29 20.17 1.38
C SER A 124 8.13 19.23 1.70
N HIS A 125 8.29 18.44 2.77
CA HIS A 125 7.29 17.48 3.18
C HIS A 125 6.64 17.90 4.49
N ARG A 126 6.68 19.21 4.79
CA ARG A 126 6.07 19.88 5.93
C ARG A 126 6.46 19.22 7.25
N VAL A 127 7.74 18.85 7.39
CA VAL A 127 8.26 18.33 8.65
C VAL A 127 9.38 19.23 9.19
N LEU A 128 9.28 19.63 10.47
CA LEU A 128 10.40 20.24 11.19
C LEU A 128 11.11 19.13 11.98
N HIS A 129 12.45 19.13 11.96
CA HIS A 129 13.21 18.14 12.71
C HIS A 129 13.25 18.50 14.21
N ARG A 130 13.75 19.71 14.49
CA ARG A 130 13.67 20.36 15.81
C ARG A 130 14.59 19.70 16.82
N ASP A 131 15.54 18.87 16.37
CA ASP A 131 16.60 18.45 17.27
C ASP A 131 17.87 18.09 16.51
N LEU A 132 18.26 18.93 15.52
CA LEU A 132 19.50 18.68 14.79
C LEU A 132 20.71 19.03 15.68
N LYS A 133 21.58 18.03 15.86
CA LYS A 133 22.80 18.12 16.64
C LYS A 133 23.65 16.94 16.20
N PRO A 134 25.00 16.96 16.38
CA PRO A 134 25.87 15.94 15.79
C PRO A 134 25.49 14.53 16.24
N GLN A 135 24.94 14.42 17.46
CA GLN A 135 24.61 13.13 18.04
C GLN A 135 23.43 12.52 17.29
N ASN A 136 22.65 13.32 16.55
CA ASN A 136 21.48 12.79 15.85
C ASN A 136 21.75 12.71 14.34
N LEU A 137 23.03 12.83 13.93
CA LEU A 137 23.40 12.73 12.53
C LEU A 137 24.31 11.50 12.37
N LEU A 138 23.87 10.54 11.54
CA LEU A 138 24.51 9.25 11.41
C LEU A 138 25.34 9.19 10.12
N ILE A 139 26.54 8.61 10.23
CA ILE A 139 27.45 8.50 9.10
C ILE A 139 27.72 7.02 8.87
N ASN A 140 27.83 6.62 7.61
CA ASN A 140 28.22 5.25 7.26
C ASN A 140 29.63 5.23 6.67
N THR A 141 30.07 4.05 6.23
CA THR A 141 31.44 3.92 5.79
C THR A 141 31.54 4.34 4.33
N GLU A 142 30.41 4.66 3.71
CA GLU A 142 30.39 4.98 2.29
C GLU A 142 30.43 6.49 2.06
N GLY A 143 30.29 7.28 3.13
CA GLY A 143 30.36 8.72 3.01
C GLY A 143 28.99 9.36 3.17
N ALA A 144 27.95 8.54 3.39
CA ALA A 144 26.65 9.13 3.60
C ALA A 144 26.62 9.75 5.01
N ILE A 145 25.87 10.83 5.19
CA ILE A 145 25.39 11.28 6.49
C ILE A 145 23.87 11.46 6.39
N LYS A 146 23.17 11.21 7.51
CA LYS A 146 21.72 11.14 7.51
C LYS A 146 21.16 11.71 8.80
N LEU A 147 20.08 12.53 8.65
CA LEU A 147 19.29 13.02 9.76
C LEU A 147 18.66 11.80 10.44
N ALA A 148 18.83 11.69 11.77
CA ALA A 148 18.21 10.64 12.56
C ALA A 148 17.44 11.27 13.73
N ASP A 149 16.86 10.38 14.54
CA ASP A 149 16.13 10.74 15.74
C ASP A 149 15.03 11.79 15.46
N PHE A 150 13.85 11.32 15.04
CA PHE A 150 12.72 12.21 14.67
C PHE A 150 11.63 12.17 15.76
N GLY A 151 12.02 12.05 17.02
CA GLY A 151 11.06 12.01 18.14
C GLY A 151 10.58 13.39 18.53
N LEU A 152 11.39 14.42 18.27
CA LEU A 152 11.01 15.82 18.57
C LEU A 152 10.49 16.48 17.29
N ALA A 153 10.21 15.69 16.27
CA ALA A 153 9.80 16.25 14.96
C ALA A 153 8.30 16.54 14.93
N ARG A 154 7.90 17.37 13.99
CA ARG A 154 6.48 17.77 13.92
C ARG A 154 6.03 18.07 12.49
N ALA A 155 4.82 17.65 12.17
CA ALA A 155 4.23 17.98 10.89
C ALA A 155 3.62 19.37 11.02
N PHE A 156 4.07 20.32 10.19
CA PHE A 156 3.61 21.69 10.29
C PHE A 156 2.57 21.98 9.20
N GLY A 157 1.87 23.12 9.39
CA GLY A 157 0.95 23.64 8.39
C GLY A 157 1.47 24.97 7.87
N VAL A 158 0.80 25.57 6.88
CA VAL A 158 1.23 26.81 6.26
C VAL A 158 0.07 27.79 6.28
N PRO A 159 0.20 28.95 6.99
CA PRO A 159 1.37 29.26 7.81
C PRO A 159 1.42 28.44 9.09
N VAL A 160 2.50 28.61 9.88
CA VAL A 160 2.71 27.78 11.06
C VAL A 160 1.84 28.23 12.24
N ARG A 161 1.50 27.28 13.11
CA ARG A 161 0.83 27.55 14.39
C ARG A 161 1.92 27.55 15.47
N THR A 162 1.54 27.99 16.67
CA THR A 162 2.42 27.89 17.83
C THR A 162 2.55 26.40 18.11
N TYR A 163 3.78 25.91 18.18
CA TYR A 163 4.02 24.52 18.57
C TYR A 163 4.76 24.53 19.90
N TPO A 164 5.25 23.36 20.30
CA TPO A 164 6.02 23.23 21.51
CB TPO A 164 6.43 21.76 21.68
CG2 TPO A 164 7.02 21.48 23.05
OG1 TPO A 164 5.18 21.00 21.53
P TPO A 164 5.09 20.00 20.26
O1P TPO A 164 5.21 20.86 19.03
O2P TPO A 164 3.75 19.32 20.45
O3P TPO A 164 6.27 19.03 20.34
C TPO A 164 7.21 24.19 21.55
O TPO A 164 7.97 24.33 20.58
N HIS A 165 7.39 24.81 22.72
CA HIS A 165 8.47 25.73 23.03
C HIS A 165 9.74 25.03 23.51
N GLU A 166 9.59 23.92 24.26
CA GLU A 166 10.73 23.15 24.78
C GLU A 166 11.25 22.28 23.65
N VAL A 167 11.95 22.91 22.68
CA VAL A 167 12.45 22.24 21.49
C VAL A 167 13.91 22.61 21.23
N VAL A 168 14.67 21.63 20.68
CA VAL A 168 16.04 21.78 20.21
C VAL A 168 16.98 21.75 21.41
N THR A 169 17.99 20.86 21.37
CA THR A 169 19.01 20.83 22.41
C THR A 169 19.62 22.23 22.46
N LEU A 170 19.88 22.71 23.68
CA LEU A 170 20.15 24.10 23.96
C LEU A 170 21.26 24.66 23.07
N TRP A 171 22.39 23.94 22.95
CA TRP A 171 23.50 24.46 22.16
C TRP A 171 23.06 24.81 20.72
N TYR A 172 21.93 24.24 20.23
CA TYR A 172 21.61 24.27 18.81
C TYR A 172 20.32 25.07 18.57
N ARG A 173 19.81 25.65 19.66
CA ARG A 173 18.51 26.30 19.67
C ARG A 173 18.62 27.72 19.10
N ALA A 174 17.75 28.03 18.13
CA ALA A 174 17.64 29.30 17.45
C ALA A 174 17.17 30.41 18.41
N PRO A 175 17.61 31.65 18.19
CA PRO A 175 17.26 32.77 19.08
C PRO A 175 15.77 33.08 19.19
N GLU A 176 15.04 32.82 18.12
CA GLU A 176 13.62 33.12 18.17
C GLU A 176 12.95 32.19 19.18
N ILE A 177 13.52 31.01 19.43
CA ILE A 177 12.97 30.11 20.46
C ILE A 177 13.39 30.63 21.84
N LEU A 178 14.69 30.88 22.02
CA LEU A 178 15.13 31.45 23.28
C LEU A 178 14.32 32.69 23.68
N LEU A 179 13.88 33.50 22.68
CA LEU A 179 13.16 34.74 22.98
C LEU A 179 11.65 34.51 23.07
N GLY A 180 11.24 33.24 23.09
CA GLY A 180 9.86 32.87 23.39
C GLY A 180 8.91 33.38 22.32
N CYS A 181 9.37 33.34 21.05
CA CYS A 181 8.55 33.81 19.95
C CYS A 181 7.31 32.91 19.83
N LYS A 182 6.17 33.56 19.57
CA LYS A 182 4.91 32.84 19.40
C LYS A 182 5.03 31.78 18.28
N TYR A 183 5.75 32.16 17.22
CA TYR A 183 5.84 31.28 16.03
C TYR A 183 7.27 31.02 15.66
N TYR A 184 7.54 29.79 15.24
CA TYR A 184 8.87 29.42 14.74
C TYR A 184 8.63 28.54 13.51
N SER A 185 9.57 28.54 12.58
CA SER A 185 9.39 27.76 11.34
C SER A 185 10.63 26.93 10.99
N THR A 186 10.90 26.79 9.71
CA THR A 186 11.98 25.93 9.19
C THR A 186 13.34 26.52 9.45
N ALA A 187 13.39 27.79 9.83
CA ALA A 187 14.66 28.51 10.05
C ALA A 187 15.34 28.00 11.32
N VAL A 188 14.56 27.41 12.22
CA VAL A 188 15.13 26.86 13.48
C VAL A 188 16.04 25.68 13.11
N ASP A 189 15.70 24.96 12.04
CA ASP A 189 16.51 23.80 11.67
C ASP A 189 17.75 24.32 10.98
N ILE A 190 17.60 25.40 10.21
CA ILE A 190 18.75 25.94 9.50
C ILE A 190 19.73 26.45 10.54
N TRP A 191 19.21 27.13 11.57
CA TRP A 191 20.07 27.60 12.66
C TRP A 191 20.89 26.43 13.21
N SER A 192 20.23 25.33 13.57
CA SER A 192 20.91 24.13 14.04
C SER A 192 22.04 23.70 13.08
N LEU A 193 21.74 23.59 11.78
CA LEU A 193 22.75 23.16 10.81
C LEU A 193 23.91 24.15 10.76
N GLY A 194 23.62 25.45 10.91
CA GLY A 194 24.66 26.46 11.02
C GLY A 194 25.61 26.15 12.18
N CYS A 195 25.06 25.93 13.38
CA CYS A 195 25.87 25.60 14.51
C CYS A 195 26.72 24.36 14.22
N ILE A 196 26.13 23.35 13.55
CA ILE A 196 26.80 22.09 13.28
C ILE A 196 27.92 22.31 12.26
N PHE A 197 27.66 23.23 11.30
CA PHE A 197 28.62 23.56 10.24
C PHE A 197 29.89 24.08 10.90
N ALA A 198 29.73 25.10 11.75
CA ALA A 198 30.83 25.67 12.52
C ALA A 198 31.54 24.57 13.32
N GLU A 199 30.73 23.68 13.93
CA GLU A 199 31.24 22.62 14.79
C GLU A 199 32.10 21.63 14.01
N MET A 200 31.72 21.25 12.79
CA MET A 200 32.57 20.39 11.97
C MET A 200 33.93 21.05 11.72
N VAL A 201 33.92 22.39 11.58
CA VAL A 201 35.17 23.09 11.25
C VAL A 201 36.13 23.09 12.44
N THR A 202 35.61 23.33 13.63
CA THR A 202 36.42 23.50 14.86
C THR A 202 36.41 22.26 15.72
N ARG A 203 35.51 21.37 15.60
CA ARG A 203 35.39 20.15 16.47
C ARG A 203 34.91 20.58 17.87
N ARG A 204 34.32 21.67 18.07
CA ARG A 204 33.77 22.14 19.37
C ARG A 204 32.47 22.92 19.12
N ALA A 205 31.53 22.90 19.96
CA ALA A 205 30.23 23.60 19.87
C ALA A 205 30.42 25.12 19.81
N LEU A 206 29.67 25.74 18.91
CA LEU A 206 29.80 27.15 18.63
C LEU A 206 29.19 27.93 19.79
N PHE A 207 28.03 27.53 20.29
CA PHE A 207 27.51 28.28 21.41
C PHE A 207 27.22 27.33 22.56
N PRO A 208 28.21 26.89 23.36
CA PRO A 208 27.94 25.92 24.44
C PRO A 208 27.39 26.58 25.70
N GLY A 209 26.13 27.00 25.67
CA GLY A 209 25.54 27.69 26.80
C GLY A 209 25.22 26.75 27.96
N ASP A 210 25.10 27.31 29.18
CA ASP A 210 24.90 26.56 30.41
C ASP A 210 23.46 26.73 30.88
N SER A 211 22.69 27.58 30.18
CA SER A 211 21.32 27.92 30.50
C SER A 211 20.74 28.70 29.33
N GLU A 212 19.43 28.95 29.35
CA GLU A 212 18.81 29.67 28.24
C GLU A 212 19.40 31.08 28.14
N ILE A 213 19.49 31.85 29.25
CA ILE A 213 20.06 33.19 29.20
C ILE A 213 21.54 33.15 28.77
N ASP A 214 22.30 32.17 29.28
CA ASP A 214 23.70 32.04 28.93
C ASP A 214 23.86 31.75 27.45
N GLN A 215 22.98 30.93 26.90
CA GLN A 215 22.98 30.56 25.49
C GLN A 215 22.78 31.82 24.66
N LEU A 216 21.80 32.62 25.07
CA LEU A 216 21.43 33.80 24.32
C LEU A 216 22.57 34.83 24.38
N PHE A 217 23.27 34.89 25.50
CA PHE A 217 24.34 35.89 25.68
C PHE A 217 25.59 35.45 24.92
N ARG A 218 25.78 34.15 24.73
CA ARG A 218 26.93 33.64 23.94
C ARG A 218 26.67 33.95 22.48
N ILE A 219 25.48 33.63 21.99
CA ILE A 219 25.07 34.04 20.66
C ILE A 219 25.29 35.55 20.46
N PHE A 220 24.69 36.36 21.34
CA PHE A 220 24.84 37.79 21.24
C PHE A 220 26.31 38.20 21.25
N ARG A 221 27.14 37.56 22.09
CA ARG A 221 28.55 37.96 22.19
C ARG A 221 29.33 37.64 20.90
N THR A 222 28.83 36.73 20.07
CA THR A 222 29.44 36.32 18.83
C THR A 222 28.86 37.11 17.64
N LEU A 223 27.53 37.20 17.51
CA LEU A 223 26.91 37.76 16.32
C LEU A 223 26.47 39.19 16.57
N GLY A 224 26.65 39.65 17.83
CA GLY A 224 26.21 40.97 18.27
C GLY A 224 24.80 40.93 18.83
N THR A 225 24.49 41.84 19.77
CA THR A 225 23.13 41.83 20.28
C THR A 225 22.21 42.38 19.18
N PRO A 226 21.15 41.65 18.76
CA PRO A 226 20.27 42.13 17.68
C PRO A 226 19.50 43.38 18.09
N ASP A 227 19.26 44.29 17.14
CA ASP A 227 18.41 45.45 17.39
C ASP A 227 17.34 45.49 16.29
N GLU A 228 16.56 46.58 16.23
CA GLU A 228 15.42 46.64 15.33
C GLU A 228 15.91 46.66 13.88
N VAL A 229 17.09 47.23 13.65
CA VAL A 229 17.67 47.24 12.31
C VAL A 229 17.96 45.81 11.84
N VAL A 230 18.71 45.04 12.63
CA VAL A 230 19.11 43.72 12.19
C VAL A 230 17.92 42.78 12.12
N TRP A 231 16.96 42.91 13.05
CA TRP A 231 15.91 41.91 13.25
C TRP A 231 14.61 42.62 13.62
N PRO A 232 13.82 43.19 12.68
CA PRO A 232 12.65 43.99 13.08
C PRO A 232 11.69 43.13 13.91
N GLY A 233 11.23 43.70 15.05
CA GLY A 233 10.36 43.04 16.00
C GLY A 233 11.06 42.50 17.25
N VAL A 234 12.39 42.32 17.20
CA VAL A 234 13.10 41.61 18.24
C VAL A 234 12.80 42.29 19.58
N THR A 235 12.82 43.63 19.63
CA THR A 235 12.68 44.32 20.91
C THR A 235 11.27 44.12 21.48
N SER A 236 10.37 43.48 20.75
CA SER A 236 9.02 43.26 21.25
C SER A 236 8.74 41.78 21.50
N MET A 237 9.74 40.93 21.39
CA MET A 237 9.51 39.51 21.57
C MET A 237 9.30 39.20 23.06
N PRO A 238 8.52 38.16 23.41
CA PRO A 238 8.05 38.00 24.78
C PRO A 238 9.21 37.99 25.77
N ASP A 239 10.36 37.42 25.39
CA ASP A 239 11.43 37.23 26.36
C ASP A 239 12.59 38.16 26.08
N TYR A 240 12.38 39.12 25.19
CA TYR A 240 13.32 40.21 25.02
C TYR A 240 13.31 41.02 26.31
N LYS A 241 14.48 41.52 26.73
CA LYS A 241 14.57 42.44 27.85
C LYS A 241 15.41 43.65 27.43
N PRO A 242 14.89 44.90 27.50
CA PRO A 242 15.69 46.09 27.26
C PRO A 242 17.07 46.16 27.92
N SER A 243 17.25 45.44 29.04
CA SER A 243 18.49 45.52 29.80
C SER A 243 19.53 44.54 29.25
N PHE A 244 19.16 43.74 28.26
CA PHE A 244 20.15 42.90 27.62
C PHE A 244 21.40 43.72 27.28
N PRO A 245 22.59 43.17 27.57
CA PRO A 245 23.82 43.87 27.26
C PRO A 245 23.85 43.98 25.74
N LYS A 246 24.41 45.09 25.24
CA LYS A 246 24.47 45.35 23.80
C LYS A 246 25.90 45.10 23.33
N TRP A 247 26.15 43.88 22.88
CA TRP A 247 27.49 43.51 22.41
C TRP A 247 27.59 43.83 20.94
N ALA A 248 28.78 44.17 20.50
CA ALA A 248 29.00 44.51 19.08
C ALA A 248 29.26 43.24 18.28
N ARG A 249 28.83 43.21 17.04
CA ARG A 249 29.08 42.06 16.15
C ARG A 249 30.58 41.97 15.90
N GLN A 250 31.12 40.79 16.01
CA GLN A 250 32.59 40.58 15.85
C GLN A 250 32.88 40.24 14.39
N ASP A 251 34.08 40.56 13.92
CA ASP A 251 34.48 40.15 12.55
C ASP A 251 34.07 38.69 12.42
N PHE A 252 33.22 38.40 11.46
CA PHE A 252 32.71 37.04 11.34
C PHE A 252 33.81 36.09 10.91
N SER A 253 34.89 36.64 10.31
CA SER A 253 36.04 35.81 9.98
C SER A 253 36.63 35.24 11.27
N LYS A 254 36.36 35.92 12.40
CA LYS A 254 36.90 35.55 13.70
C LYS A 254 36.06 34.47 14.37
N VAL A 255 34.89 34.16 13.82
CA VAL A 255 34.02 33.16 14.41
C VAL A 255 34.49 31.76 14.03
N VAL A 256 35.03 31.61 12.82
CA VAL A 256 35.47 30.32 12.33
C VAL A 256 36.72 30.56 11.49
N PRO A 257 37.84 30.93 12.15
CA PRO A 257 38.96 31.50 11.44
C PRO A 257 39.46 30.73 10.22
N PRO A 258 39.50 29.38 10.23
CA PRO A 258 40.01 28.66 9.06
C PRO A 258 39.08 28.61 7.84
N LEU A 259 37.82 29.03 8.04
CA LEU A 259 36.84 28.97 6.95
C LEU A 259 37.18 30.09 5.97
N ASP A 260 37.06 29.80 4.66
CA ASP A 260 37.37 30.79 3.63
C ASP A 260 36.10 31.57 3.32
N GLU A 261 36.18 32.51 2.36
CA GLU A 261 35.14 33.48 2.08
C GLU A 261 33.79 32.81 1.77
N ASP A 262 33.78 31.68 1.04
CA ASP A 262 32.52 31.06 0.67
C ASP A 262 31.89 30.43 1.90
N GLY A 263 32.68 29.63 2.63
CA GLY A 263 32.22 29.02 3.87
C GLY A 263 31.66 30.10 4.80
N ARG A 264 32.36 31.24 4.90
CA ARG A 264 31.93 32.30 5.80
C ARG A 264 30.60 32.90 5.33
N SER A 265 30.50 33.14 4.02
CA SER A 265 29.28 33.70 3.43
C SER A 265 28.11 32.81 3.82
N LEU A 266 28.28 31.49 3.61
CA LEU A 266 27.20 30.55 3.82
C LEU A 266 26.85 30.49 5.31
N LEU A 267 27.89 30.38 6.17
CA LEU A 267 27.65 30.21 7.59
C LEU A 267 26.87 31.40 8.11
N SER A 268 27.27 32.63 7.70
CA SER A 268 26.61 33.85 8.11
C SER A 268 25.13 33.86 7.71
N GLN A 269 24.78 33.22 6.60
CA GLN A 269 23.39 33.26 6.17
C GLN A 269 22.59 32.19 6.90
N MET A 270 23.28 31.21 7.46
CA MET A 270 22.61 30.23 8.28
C MET A 270 22.31 30.80 9.68
N LEU A 271 23.18 31.69 10.19
CA LEU A 271 23.05 32.19 11.55
C LEU A 271 22.56 33.63 11.52
N HIS A 272 21.86 34.02 10.44
CA HIS A 272 21.19 35.32 10.41
C HIS A 272 20.18 35.43 11.58
N TYR A 273 20.20 36.55 12.31
CA TYR A 273 19.23 36.70 13.39
C TYR A 273 17.78 36.57 12.88
N ASP A 274 17.43 37.35 11.85
CA ASP A 274 16.03 37.42 11.43
C ASP A 274 15.60 36.13 10.71
N PRO A 275 14.62 35.34 11.22
CA PRO A 275 14.30 34.06 10.57
C PRO A 275 13.79 34.22 9.13
N ASN A 276 13.34 35.45 8.80
CA ASN A 276 12.88 35.75 7.45
C ASN A 276 14.07 35.83 6.50
N LYS A 277 15.23 36.31 6.95
CA LYS A 277 16.38 36.49 6.09
C LYS A 277 17.29 35.26 6.12
N ARG A 278 17.17 34.39 7.13
CA ARG A 278 18.01 33.22 7.22
C ARG A 278 17.84 32.34 5.96
N ILE A 279 18.94 31.83 5.43
CA ILE A 279 18.93 31.05 4.19
C ILE A 279 18.08 29.79 4.39
N SER A 280 17.39 29.36 3.33
CA SER A 280 16.65 28.10 3.33
C SER A 280 17.58 26.95 2.93
N ALA A 281 17.27 25.69 3.35
CA ALA A 281 18.04 24.52 2.95
C ALA A 281 18.12 24.44 1.43
N LYS A 282 16.99 24.73 0.77
CA LYS A 282 16.86 24.64 -0.67
C LYS A 282 17.83 25.61 -1.35
N ALA A 283 17.85 26.86 -0.88
CA ALA A 283 18.75 27.87 -1.47
C ALA A 283 20.22 27.62 -1.10
N ALA A 284 20.50 27.09 0.10
CA ALA A 284 21.87 26.83 0.51
C ALA A 284 22.58 25.86 -0.44
N LEU A 285 21.84 24.87 -1.00
CA LEU A 285 22.39 23.85 -1.90
C LEU A 285 23.12 24.50 -3.08
N ALA A 286 22.70 25.72 -3.48
CA ALA A 286 23.26 26.39 -4.65
C ALA A 286 24.38 27.36 -4.27
N HIS A 287 24.78 27.35 -3.00
CA HIS A 287 25.75 28.32 -2.54
C HIS A 287 27.09 28.00 -3.21
N PRO A 288 27.90 29.01 -3.57
CA PRO A 288 29.19 28.77 -4.21
C PRO A 288 30.14 27.89 -3.39
N PHE A 289 29.98 27.90 -2.07
CA PHE A 289 30.71 26.99 -1.19
C PHE A 289 30.70 25.55 -1.71
N PHE A 290 29.61 25.12 -2.34
CA PHE A 290 29.53 23.72 -2.72
C PHE A 290 29.98 23.47 -4.16
N GLN A 291 30.57 24.48 -4.84
CA GLN A 291 30.86 24.36 -6.26
C GLN A 291 31.66 23.09 -6.57
N ASP A 292 32.57 22.69 -5.68
CA ASP A 292 33.45 21.58 -6.01
C ASP A 292 33.09 20.32 -5.22
N VAL A 293 31.87 20.23 -4.69
CA VAL A 293 31.58 19.19 -3.70
C VAL A 293 31.72 17.79 -4.31
N THR A 294 32.18 16.84 -3.47
CA THR A 294 32.11 15.42 -3.79
C THR A 294 31.62 14.72 -2.54
N LYS A 295 31.49 13.39 -2.60
CA LYS A 295 31.09 12.62 -1.44
C LYS A 295 32.12 11.54 -1.15
N PRO A 296 33.26 11.91 -0.51
CA PRO A 296 34.26 10.89 -0.19
C PRO A 296 33.84 10.13 1.08
N VAL A 297 34.37 8.91 1.20
CA VAL A 297 34.24 8.09 2.40
C VAL A 297 34.96 8.78 3.55
N PRO A 298 34.57 8.51 4.81
CA PRO A 298 35.33 9.02 5.95
C PRO A 298 36.80 8.59 5.87
N HIS A 299 37.73 9.50 6.26
CA HIS A 299 39.17 9.27 6.22
C HIS A 299 39.62 8.38 7.38
N LEU A 300 38.72 8.05 8.31
CA LEU A 300 39.03 7.24 9.49
C LEU A 300 38.07 6.06 9.50
N ARG A 301 38.48 4.93 10.10
CA ARG A 301 37.64 3.73 10.22
C ARG A 301 36.32 4.02 10.98
N GLY B 1 6.77 36.05 5.33
CA GLY B 1 8.08 35.58 5.78
C GLY B 1 8.10 34.06 6.06
N VAL B 2 9.09 33.64 6.86
CA VAL B 2 9.46 32.24 6.99
C VAL B 2 8.28 31.46 7.59
N ASN B 3 7.36 32.13 8.30
CA ASN B 3 6.25 31.45 8.98
C ASN B 3 5.27 30.89 7.96
N GLU B 4 5.31 31.48 6.74
CA GLU B 4 4.48 31.07 5.61
C GLU B 4 5.36 30.36 4.57
N VAL B 5 6.58 29.97 4.97
CA VAL B 5 7.54 29.15 4.22
C VAL B 5 7.48 29.45 2.72
N PRO B 6 7.81 30.68 2.26
CA PRO B 6 7.93 30.94 0.83
C PRO B 6 8.70 29.89 0.03
N ASP B 7 9.78 29.28 0.58
CA ASP B 7 10.61 28.39 -0.22
C ASP B 7 10.01 26.99 -0.36
N TYR B 8 8.94 26.69 0.41
CA TYR B 8 8.43 25.33 0.49
C TYR B 8 6.92 25.27 0.32
N HIS B 9 6.23 26.42 0.26
CA HIS B 9 4.76 26.33 0.23
C HIS B 9 4.28 25.55 -1.00
N GLU B 10 4.92 25.80 -2.16
CA GLU B 10 4.47 25.16 -3.38
C GLU B 10 4.71 23.65 -3.24
N ASP B 11 5.92 23.26 -2.82
CA ASP B 11 6.23 21.85 -2.67
C ASP B 11 5.23 21.24 -1.67
N ILE B 12 4.92 21.98 -0.61
CA ILE B 12 4.08 21.42 0.45
C ILE B 12 2.68 21.14 -0.10
N HIS B 13 2.18 22.04 -0.96
CA HIS B 13 0.83 21.95 -1.49
C HIS B 13 0.75 20.76 -2.46
N THR B 14 1.73 20.64 -3.33
CA THR B 14 1.77 19.49 -4.26
C THR B 14 1.74 18.21 -3.46
N TYR B 15 2.49 18.15 -2.37
CA TYR B 15 2.59 16.91 -1.56
C TYR B 15 1.27 16.55 -0.90
N LEU B 16 0.57 17.54 -0.37
CA LEU B 16 -0.71 17.29 0.34
C LEU B 16 -1.79 16.90 -0.67
N ARG B 17 -1.70 17.39 -1.90
CA ARG B 17 -2.67 17.05 -2.98
C ARG B 17 -2.51 15.58 -3.35
N GLU B 18 -1.30 15.05 -3.24
CA GLU B 18 -1.06 13.61 -3.55
C GLU B 18 -1.42 12.76 -2.33
N MET B 19 -1.20 13.29 -1.13
CA MET B 19 -1.44 12.49 0.09
C MET B 19 -2.92 12.44 0.41
N GLU B 20 -3.68 13.43 -0.06
CA GLU B 20 -5.14 13.48 0.20
C GLU B 20 -5.80 12.37 -0.62
N VAL B 21 -5.25 12.09 -1.80
CA VAL B 21 -5.75 10.95 -2.62
C VAL B 21 -5.38 9.65 -1.89
N LYS B 22 -4.16 9.59 -1.34
CA LYS B 22 -3.76 8.35 -0.69
C LYS B 22 -4.51 8.13 0.63
N CYS B 23 -4.94 9.21 1.31
CA CYS B 23 -5.60 9.10 2.61
C CYS B 23 -7.13 9.21 2.47
N LYS B 24 -7.65 8.88 1.28
CA LYS B 24 -9.04 9.14 0.98
C LYS B 24 -9.88 7.96 1.46
N PRO B 25 -10.91 8.17 2.31
CA PRO B 25 -11.78 7.06 2.65
C PRO B 25 -12.58 6.60 1.45
N LYS B 26 -13.15 5.42 1.52
CA LYS B 26 -14.03 4.92 0.43
C LYS B 26 -15.36 5.67 0.49
N VAL B 27 -15.79 6.24 -0.63
CA VAL B 27 -17.03 7.07 -0.64
C VAL B 27 -18.23 6.23 -0.21
N GLY B 28 -18.23 4.92 -0.47
CA GLY B 28 -19.43 4.13 -0.17
C GLY B 28 -19.23 3.13 0.95
N TYR B 29 -18.57 3.53 2.02
CA TYR B 29 -18.25 2.56 3.09
C TYR B 29 -19.48 2.32 3.95
N MET B 30 -20.36 3.31 4.08
CA MET B 30 -21.51 3.14 5.00
C MET B 30 -22.49 2.10 4.46
N LYS B 31 -22.64 2.02 3.14
CA LYS B 31 -23.54 1.00 2.63
C LYS B 31 -23.04 -0.40 3.03
N LYS B 32 -21.72 -0.59 3.09
CA LYS B 32 -21.14 -1.90 3.39
C LYS B 32 -21.04 -2.11 4.89
N GLN B 33 -21.37 -1.09 5.70
CA GLN B 33 -21.41 -1.22 7.14
C GLN B 33 -22.80 -1.72 7.53
N PRO B 34 -22.91 -2.95 8.08
CA PRO B 34 -24.21 -3.58 8.30
C PRO B 34 -25.01 -2.87 9.36
N ASP B 35 -24.34 -2.23 10.32
CA ASP B 35 -25.00 -1.90 11.57
C ASP B 35 -24.87 -0.41 11.91
N ILE B 36 -24.18 0.36 11.06
CA ILE B 36 -24.05 1.78 11.29
C ILE B 36 -24.41 2.55 10.01
N THR B 37 -24.74 3.84 10.20
CA THR B 37 -25.38 4.69 9.21
C THR B 37 -24.70 6.07 9.22
N ASN B 38 -24.98 6.87 8.19
CA ASN B 38 -24.56 8.26 8.13
C ASN B 38 -24.97 9.02 9.39
N SER B 39 -26.20 8.77 9.88
CA SER B 39 -26.74 9.47 11.04
C SER B 39 -25.93 9.15 12.30
N MET B 40 -25.59 7.87 12.46
CA MET B 40 -24.77 7.46 13.59
C MET B 40 -23.44 8.20 13.58
N ARG B 41 -22.82 8.26 12.39
CA ARG B 41 -21.51 8.87 12.24
C ARG B 41 -21.62 10.37 12.53
N ALA B 42 -22.73 10.97 12.09
CA ALA B 42 -23.06 12.38 12.32
C ALA B 42 -23.15 12.67 13.82
N ILE B 43 -23.85 11.82 14.55
CA ILE B 43 -23.86 11.96 15.99
C ILE B 43 -22.42 11.90 16.53
N LEU B 44 -21.60 10.96 16.05
CA LEU B 44 -20.27 10.77 16.59
C LEU B 44 -19.40 12.00 16.33
N VAL B 45 -19.40 12.47 15.09
CA VAL B 45 -18.58 13.61 14.72
C VAL B 45 -19.06 14.83 15.51
N ASP B 46 -20.37 14.90 15.76
CA ASP B 46 -20.92 16.05 16.46
C ASP B 46 -20.41 16.07 17.90
N TRP B 47 -20.34 14.87 18.49
CA TRP B 47 -19.80 14.68 19.83
C TRP B 47 -18.32 15.03 19.90
N LEU B 48 -17.54 14.64 18.88
CA LEU B 48 -16.10 14.91 18.91
C LEU B 48 -15.88 16.42 18.92
N VAL B 49 -16.75 17.13 18.20
CA VAL B 49 -16.69 18.59 18.17
C VAL B 49 -16.76 19.12 19.60
N GLU B 50 -17.71 18.61 20.40
CA GLU B 50 -17.84 19.08 21.77
C GLU B 50 -16.62 18.63 22.58
N VAL B 51 -16.18 17.38 22.40
CA VAL B 51 -14.96 16.96 23.08
C VAL B 51 -13.84 17.98 22.81
N GLY B 52 -13.64 18.36 21.53
CA GLY B 52 -12.67 19.37 21.11
C GLY B 52 -12.86 20.73 21.79
N GLU B 53 -14.11 21.14 21.98
CA GLU B 53 -14.45 22.38 22.65
C GLU B 53 -14.16 22.33 24.14
N GLU B 54 -14.58 21.23 24.78
CA GLU B 54 -14.35 20.92 26.19
C GLU B 54 -12.85 20.93 26.53
N TYR B 55 -12.01 20.35 25.66
CA TYR B 55 -10.59 20.18 25.98
C TYR B 55 -9.78 21.28 25.31
N LYS B 56 -10.51 22.19 24.63
CA LYS B 56 -9.92 23.29 23.88
C LYS B 56 -8.79 22.76 23.00
N LEU B 57 -9.14 21.78 22.13
CA LEU B 57 -8.25 21.12 21.20
C LEU B 57 -8.19 21.95 19.92
N GLN B 58 -7.18 21.69 19.09
CA GLN B 58 -7.11 22.35 17.80
C GLN B 58 -8.24 21.83 16.91
N ASN B 59 -8.65 22.67 15.96
CA ASN B 59 -9.51 22.26 14.86
C ASN B 59 -8.83 21.21 14.00
N GLU B 60 -7.51 21.34 13.83
CA GLU B 60 -6.77 20.35 13.07
C GLU B 60 -6.89 18.95 13.71
N THR B 61 -6.87 18.87 15.04
CA THR B 61 -6.98 17.57 15.71
C THR B 61 -8.32 16.93 15.34
N LEU B 62 -9.40 17.73 15.41
CA LEU B 62 -10.75 17.30 15.03
C LEU B 62 -10.75 16.70 13.61
N HIS B 63 -10.22 17.44 12.62
CA HIS B 63 -10.19 16.99 11.24
C HIS B 63 -9.37 15.70 11.08
N LEU B 64 -8.20 15.61 11.75
CA LEU B 64 -7.39 14.40 11.74
C LEU B 64 -8.22 13.21 12.25
N ALA B 65 -9.02 13.44 13.30
CA ALA B 65 -9.72 12.36 13.96
C ALA B 65 -10.80 11.79 13.02
N VAL B 66 -11.53 12.68 12.35
CA VAL B 66 -12.56 12.31 11.42
C VAL B 66 -11.92 11.52 10.27
N ASN B 67 -10.74 11.95 9.80
CA ASN B 67 -10.01 11.24 8.74
C ASN B 67 -9.71 9.79 9.18
N TYR B 68 -9.22 9.63 10.42
CA TYR B 68 -8.87 8.33 10.94
C TYR B 68 -10.12 7.44 10.99
N ILE B 69 -11.23 8.02 11.43
CA ILE B 69 -12.46 7.26 11.62
C ILE B 69 -12.92 6.69 10.28
N ASP B 70 -12.97 7.58 9.29
CA ASP B 70 -13.53 7.26 8.00
C ASP B 70 -12.68 6.21 7.28
N ARG B 71 -11.36 6.34 7.42
CA ARG B 71 -10.41 5.39 6.85
C ARG B 71 -10.51 4.04 7.58
N PHE B 72 -10.72 4.12 8.90
CA PHE B 72 -10.88 2.91 9.69
C PHE B 72 -12.18 2.22 9.26
N LEU B 73 -13.28 2.99 9.26
CA LEU B 73 -14.59 2.48 8.89
C LEU B 73 -14.61 1.96 7.45
N SER B 74 -13.65 2.36 6.61
CA SER B 74 -13.58 1.85 5.23
C SER B 74 -13.19 0.37 5.16
N SER B 75 -12.31 -0.11 6.06
CA SER B 75 -11.89 -1.50 6.07
C SER B 75 -12.47 -2.32 7.21
N MET B 76 -13.00 -1.69 8.27
CA MET B 76 -13.40 -2.45 9.44
C MET B 76 -14.90 -2.28 9.70
N SER B 77 -15.61 -3.42 9.80
CA SER B 77 -17.01 -3.41 10.21
C SER B 77 -17.07 -3.15 11.71
N VAL B 78 -17.97 -2.25 12.09
CA VAL B 78 -18.11 -1.86 13.49
C VAL B 78 -19.59 -1.88 13.87
N LEU B 79 -19.90 -2.48 15.03
CA LEU B 79 -21.23 -2.44 15.61
C LEU B 79 -21.51 -1.03 16.17
N ARG B 80 -22.79 -0.64 16.18
CA ARG B 80 -23.17 0.66 16.67
C ARG B 80 -22.63 0.91 18.09
N GLY B 81 -22.63 -0.14 18.93
CA GLY B 81 -22.15 -0.08 20.32
C GLY B 81 -20.66 0.23 20.50
N LYS B 82 -19.88 0.25 19.40
CA LYS B 82 -18.43 0.35 19.47
C LYS B 82 -17.95 1.47 18.55
N LEU B 83 -18.90 2.13 17.88
CA LEU B 83 -18.57 3.27 17.05
C LEU B 83 -17.89 4.35 17.89
N GLN B 84 -18.36 4.53 19.12
CA GLN B 84 -17.83 5.57 20.00
C GLN B 84 -16.43 5.20 20.49
N LEU B 85 -16.16 3.91 20.64
CA LEU B 85 -14.82 3.50 21.02
C LEU B 85 -13.85 3.81 19.88
N VAL B 86 -14.28 3.51 18.65
CA VAL B 86 -13.47 3.85 17.48
C VAL B 86 -13.14 5.33 17.52
N GLY B 87 -14.15 6.20 17.71
CA GLY B 87 -13.98 7.65 17.67
C GLY B 87 -13.10 8.19 18.80
N THR B 88 -13.24 7.61 20.00
CA THR B 88 -12.42 8.02 21.14
C THR B 88 -10.97 7.71 20.84
N ALA B 89 -10.66 6.49 20.34
CA ALA B 89 -9.27 6.13 20.07
C ALA B 89 -8.72 7.05 18.98
N ALA B 90 -9.57 7.32 17.99
CA ALA B 90 -9.22 8.22 16.91
C ALA B 90 -8.76 9.56 17.48
N MET B 91 -9.57 10.14 18.38
CA MET B 91 -9.39 11.49 18.88
C MET B 91 -8.15 11.49 19.77
N LEU B 92 -7.97 10.40 20.54
CA LEU B 92 -6.76 10.26 21.31
C LEU B 92 -5.51 10.29 20.42
N LEU B 93 -5.53 9.59 19.28
CA LEU B 93 -4.38 9.54 18.39
C LEU B 93 -4.13 10.89 17.75
N ALA B 94 -5.20 11.48 17.19
CA ALA B 94 -5.17 12.86 16.71
C ALA B 94 -4.47 13.77 17.73
N SER B 95 -4.92 13.74 18.99
CA SER B 95 -4.41 14.65 20.02
C SER B 95 -2.91 14.46 20.20
N LYS B 96 -2.46 13.20 20.34
CA LYS B 96 -1.06 12.90 20.54
C LYS B 96 -0.28 13.31 19.29
N PHE B 97 -0.85 13.16 18.11
CA PHE B 97 -0.17 13.66 16.92
C PHE B 97 0.02 15.17 16.95
N GLU B 98 -1.08 15.89 17.27
CA GLU B 98 -1.25 17.26 16.83
C GLU B 98 -1.12 18.29 17.96
N GLU B 99 -1.35 17.86 19.21
CA GLU B 99 -1.46 18.78 20.34
C GLU B 99 -0.16 18.85 21.10
N ILE B 100 0.18 20.08 21.56
CA ILE B 100 1.29 20.31 22.47
C ILE B 100 1.04 19.50 23.73
N TYR B 101 -0.16 19.71 24.31
CA TYR B 101 -0.61 19.01 25.51
C TYR B 101 -1.89 18.23 25.22
N PRO B 102 -1.76 16.96 24.75
CA PRO B 102 -2.93 16.08 24.62
C PRO B 102 -3.55 15.83 25.99
N PRO B 103 -4.88 15.66 26.05
CA PRO B 103 -5.54 15.14 27.25
C PRO B 103 -4.99 13.75 27.59
N GLU B 104 -5.07 13.39 28.86
CA GLU B 104 -4.67 12.06 29.30
C GLU B 104 -5.67 11.02 28.79
N VAL B 105 -5.21 9.76 28.72
CA VAL B 105 -6.09 8.65 28.39
C VAL B 105 -7.30 8.68 29.31
N ALA B 106 -7.05 8.87 30.62
CA ALA B 106 -8.11 8.88 31.62
C ALA B 106 -9.18 9.92 31.25
N GLU B 107 -8.75 11.11 30.83
CA GLU B 107 -9.70 12.10 30.36
C GLU B 107 -10.59 11.49 29.26
N PHE B 108 -9.98 10.79 28.31
CA PHE B 108 -10.72 10.22 27.19
C PHE B 108 -11.70 9.17 27.70
N VAL B 109 -11.27 8.31 28.65
CA VAL B 109 -12.15 7.33 29.25
C VAL B 109 -13.35 8.04 29.88
N TYR B 110 -13.11 9.16 30.55
CA TYR B 110 -14.20 9.85 31.28
C TYR B 110 -15.23 10.45 30.34
N ILE B 111 -14.83 10.89 29.15
CA ILE B 111 -15.80 11.59 28.25
C ILE B 111 -16.72 10.54 27.59
N THR B 112 -16.43 9.26 27.79
CA THR B 112 -17.28 8.19 27.28
C THR B 112 -18.21 7.73 28.37
N ASP B 113 -18.33 8.62 29.45
CA ASP B 113 -19.27 8.29 30.56
C ASP B 113 -19.03 6.83 30.98
N ASP B 114 -17.86 6.42 31.17
CA ASP B 114 -17.46 5.08 31.58
C ASP B 114 -18.21 3.98 30.81
N THR B 115 -18.49 4.24 29.52
CA THR B 115 -19.03 3.24 28.63
C THR B 115 -17.94 2.20 28.37
N TYR B 116 -16.70 2.69 28.20
CA TYR B 116 -15.55 1.83 27.93
C TYR B 116 -14.49 1.96 29.01
N THR B 117 -13.71 0.88 29.16
CA THR B 117 -12.59 0.85 30.07
C THR B 117 -11.38 1.47 29.39
N LYS B 118 -10.36 1.77 30.22
CA LYS B 118 -9.13 2.34 29.74
C LYS B 118 -8.39 1.29 28.90
N LYS B 119 -8.49 0.02 29.29
CA LYS B 119 -7.90 -1.08 28.54
C LYS B 119 -8.52 -1.17 27.15
N GLN B 120 -9.82 -0.89 27.05
CA GLN B 120 -10.52 -0.91 25.77
C GLN B 120 -10.00 0.19 24.83
N VAL B 121 -9.80 1.40 25.36
CA VAL B 121 -9.36 2.55 24.58
C VAL B 121 -7.96 2.30 24.06
N LEU B 122 -7.08 1.79 24.93
CA LEU B 122 -5.66 1.58 24.53
C LEU B 122 -5.60 0.45 23.49
N ARG B 123 -6.45 -0.58 23.64
CA ARG B 123 -6.48 -1.67 22.64
C ARG B 123 -6.96 -1.09 21.30
N MET B 124 -8.08 -0.38 21.32
CA MET B 124 -8.59 0.24 20.10
C MET B 124 -7.52 1.13 19.46
N GLU B 125 -6.77 1.86 20.30
CA GLU B 125 -5.73 2.74 19.83
C GLU B 125 -4.77 1.93 18.96
N HIS B 126 -4.38 0.75 19.46
CA HIS B 126 -3.41 -0.09 18.78
C HIS B 126 -4.01 -0.62 17.48
N LEU B 127 -5.27 -1.07 17.55
CA LEU B 127 -6.02 -1.56 16.41
C LEU B 127 -6.04 -0.50 15.32
N VAL B 128 -6.38 0.75 15.67
CA VAL B 128 -6.47 1.84 14.73
C VAL B 128 -5.10 2.08 14.10
N LEU B 129 -4.04 1.97 14.88
CA LEU B 129 -2.68 2.24 14.34
C LEU B 129 -2.30 1.14 13.35
N LYS B 130 -2.74 -0.09 13.60
CA LYS B 130 -2.44 -1.22 12.70
C LYS B 130 -3.26 -1.09 11.40
N VAL B 131 -4.51 -0.69 11.51
CA VAL B 131 -5.39 -0.59 10.31
C VAL B 131 -4.89 0.56 9.43
N LEU B 132 -4.34 1.61 10.03
CA LEU B 132 -3.95 2.76 9.24
C LEU B 132 -2.46 2.64 8.87
N ALA B 133 -1.84 1.53 9.29
CA ALA B 133 -0.41 1.28 9.16
C ALA B 133 0.37 2.53 9.60
N PHE B 134 -0.14 3.19 10.65
CA PHE B 134 0.44 4.38 11.22
C PHE B 134 0.46 5.56 10.23
N ASP B 135 -0.36 5.57 9.16
CA ASP B 135 -0.32 6.73 8.27
C ASP B 135 -1.17 7.86 8.84
N LEU B 136 -0.58 8.63 9.77
CA LEU B 136 -1.38 9.55 10.58
C LEU B 136 -1.25 11.00 10.09
N ALA B 137 -0.27 11.27 9.21
CA ALA B 137 -0.04 12.63 8.77
C ALA B 137 -0.93 12.94 7.56
N ALA B 138 -2.23 12.84 7.75
CA ALA B 138 -3.17 13.01 6.64
C ALA B 138 -3.46 14.49 6.45
N PRO B 139 -3.61 14.97 5.19
CA PRO B 139 -4.01 16.35 4.92
C PRO B 139 -5.46 16.59 5.31
N THR B 140 -5.75 17.80 5.81
CA THR B 140 -7.07 18.18 6.27
C THR B 140 -7.60 19.35 5.45
N ILE B 141 -8.91 19.61 5.59
CA ILE B 141 -9.48 20.79 4.98
C ILE B 141 -8.72 22.01 5.48
N ASN B 142 -8.30 21.96 6.76
CA ASN B 142 -7.59 23.05 7.39
C ASN B 142 -6.28 23.38 6.69
N GLN B 143 -5.52 22.31 6.36
CA GLN B 143 -4.17 22.51 5.87
C GLN B 143 -4.23 23.26 4.54
N PHE B 144 -5.33 23.03 3.81
CA PHE B 144 -5.57 23.70 2.55
C PHE B 144 -6.08 25.11 2.83
N LEU B 145 -7.08 25.22 3.72
CA LEU B 145 -7.72 26.49 4.05
C LEU B 145 -6.70 27.55 4.42
N THR B 146 -5.80 27.19 5.35
CA THR B 146 -4.85 28.14 5.90
C THR B 146 -3.96 28.65 4.76
N GLN B 147 -3.69 27.77 3.79
CA GLN B 147 -2.91 28.17 2.62
C GLN B 147 -3.72 29.12 1.75
N TYR B 148 -5.00 28.80 1.55
CA TYR B 148 -5.84 29.60 0.68
C TYR B 148 -5.93 31.01 1.26
N PHE B 149 -5.93 31.11 2.59
CA PHE B 149 -6.22 32.40 3.21
C PHE B 149 -5.13 33.39 2.83
N LEU B 150 -3.95 32.86 2.47
CA LEU B 150 -2.81 33.72 2.17
C LEU B 150 -3.09 34.56 0.92
N HIS B 151 -4.14 34.22 0.18
CA HIS B 151 -4.47 34.90 -1.07
C HIS B 151 -5.48 36.02 -0.87
N GLN B 152 -5.97 36.14 0.37
CA GLN B 152 -6.96 37.20 0.69
C GLN B 152 -6.29 38.56 0.55
N GLN B 153 -6.95 39.47 -0.16
CA GLN B 153 -6.42 40.85 -0.33
C GLN B 153 -7.56 41.82 -0.01
N PRO B 154 -7.67 42.35 1.23
CA PRO B 154 -6.73 41.98 2.28
C PRO B 154 -7.22 40.86 3.16
N ALA B 155 -6.44 40.55 4.19
CA ALA B 155 -6.80 39.48 5.13
C ALA B 155 -8.07 39.85 5.89
N ASN B 156 -8.90 38.88 6.20
CA ASN B 156 -10.21 39.16 6.78
C ASN B 156 -10.62 37.99 7.66
N CYS B 157 -10.70 38.23 8.99
CA CYS B 157 -10.88 37.18 9.99
C CYS B 157 -12.29 36.57 9.94
N LYS B 158 -13.31 37.33 9.47
CA LYS B 158 -14.66 36.80 9.31
C LYS B 158 -14.67 35.78 8.17
N VAL B 159 -13.89 36.07 7.12
CA VAL B 159 -13.74 35.15 6.00
C VAL B 159 -13.08 33.89 6.53
N GLU B 160 -12.00 34.07 7.32
CA GLU B 160 -11.24 32.92 7.79
C GLU B 160 -12.14 32.07 8.68
N SER B 161 -12.77 32.69 9.68
CA SER B 161 -13.63 31.96 10.59
C SER B 161 -14.80 31.32 9.84
N LEU B 162 -15.42 32.07 8.91
CA LEU B 162 -16.58 31.52 8.23
C LEU B 162 -16.18 30.29 7.41
N ALA B 163 -14.98 30.33 6.83
CA ALA B 163 -14.53 29.19 5.98
C ALA B 163 -14.38 27.94 6.85
N MET B 164 -13.64 28.06 7.95
CA MET B 164 -13.46 26.92 8.89
C MET B 164 -14.84 26.38 9.28
N PHE B 165 -15.75 27.26 9.69
CA PHE B 165 -17.13 26.84 10.07
C PHE B 165 -17.71 25.95 8.98
N LEU B 166 -17.65 26.40 7.72
CA LEU B 166 -18.25 25.63 6.64
C LEU B 166 -17.48 24.33 6.47
N GLY B 167 -16.14 24.41 6.56
CA GLY B 167 -15.35 23.21 6.39
C GLY B 167 -15.68 22.18 7.46
N GLU B 168 -16.02 22.66 8.67
CA GLU B 168 -16.28 21.75 9.78
C GLU B 168 -17.64 21.09 9.55
N LEU B 169 -18.62 21.87 9.07
CA LEU B 169 -19.96 21.39 8.87
C LEU B 169 -19.92 20.13 7.99
N SER B 170 -19.06 20.16 6.97
CA SER B 170 -18.97 19.08 6.00
C SER B 170 -18.50 17.77 6.65
N LEU B 171 -17.78 17.83 7.77
CA LEU B 171 -17.30 16.62 8.46
C LEU B 171 -18.48 15.76 8.90
N ILE B 172 -19.64 16.40 9.15
CA ILE B 172 -20.72 15.77 9.88
C ILE B 172 -21.44 14.79 8.97
N ASP B 173 -21.42 15.05 7.65
CA ASP B 173 -22.33 14.47 6.69
C ASP B 173 -21.54 13.67 5.63
N ALA B 174 -21.22 12.40 5.94
CA ALA B 174 -20.55 11.52 4.99
C ALA B 174 -21.19 11.64 3.60
N ASP B 175 -22.53 11.72 3.58
CA ASP B 175 -23.26 12.04 2.37
C ASP B 175 -23.73 13.49 2.45
N PRO B 176 -23.19 14.41 1.60
CA PRO B 176 -22.36 14.00 0.45
C PRO B 176 -20.84 14.05 0.55
N TYR B 177 -20.32 14.47 1.70
CA TYR B 177 -18.97 15.01 1.67
C TYR B 177 -17.87 13.98 1.40
N LEU B 178 -18.10 12.67 1.63
CA LEU B 178 -17.10 11.65 1.31
C LEU B 178 -16.71 11.71 -0.16
N LYS B 179 -17.64 12.15 -1.01
CA LYS B 179 -17.41 12.32 -2.43
C LYS B 179 -16.23 13.25 -2.69
N TYR B 180 -15.95 14.20 -1.79
CA TYR B 180 -15.05 15.28 -2.14
C TYR B 180 -13.74 15.19 -1.34
N LEU B 181 -12.63 15.54 -2.03
CA LEU B 181 -11.29 15.67 -1.45
C LEU B 181 -11.25 16.92 -0.57
N PRO B 182 -10.39 16.89 0.48
CA PRO B 182 -10.13 18.07 1.32
C PRO B 182 -9.85 19.39 0.59
N SER B 183 -9.05 19.32 -0.48
CA SER B 183 -8.56 20.49 -1.17
C SER B 183 -9.74 21.16 -1.88
N VAL B 184 -10.74 20.34 -2.25
CA VAL B 184 -11.90 20.80 -2.97
C VAL B 184 -12.93 21.41 -2.01
N ILE B 185 -13.12 20.80 -0.85
CA ILE B 185 -14.07 21.31 0.13
C ILE B 185 -13.56 22.64 0.69
N ALA B 186 -12.26 22.69 0.97
CA ALA B 186 -11.59 23.89 1.45
C ALA B 186 -11.81 25.01 0.42
N ALA B 187 -11.70 24.66 -0.87
CA ALA B 187 -11.84 25.65 -1.92
C ALA B 187 -13.29 26.15 -1.99
N ALA B 188 -14.24 25.23 -1.83
CA ALA B 188 -15.63 25.59 -1.87
C ALA B 188 -15.97 26.44 -0.65
N ALA B 189 -15.48 26.00 0.51
CA ALA B 189 -15.74 26.71 1.76
C ALA B 189 -15.13 28.11 1.71
N PHE B 190 -13.95 28.22 1.09
CA PHE B 190 -13.21 29.46 1.05
C PHE B 190 -13.96 30.46 0.19
N HIS B 191 -14.38 29.99 -0.99
CA HIS B 191 -15.18 30.79 -1.90
C HIS B 191 -16.48 31.23 -1.23
N LEU B 192 -17.12 30.30 -0.52
CA LEU B 192 -18.45 30.56 -0.01
C LEU B 192 -18.37 31.58 1.12
N ALA B 193 -17.25 31.55 1.84
CA ALA B 193 -17.09 32.44 2.96
C ALA B 193 -16.82 33.84 2.40
N LEU B 194 -15.95 33.89 1.39
CA LEU B 194 -15.56 35.11 0.75
C LEU B 194 -16.80 35.79 0.17
N TYR B 195 -17.61 35.02 -0.55
CA TYR B 195 -18.81 35.55 -1.18
C TYR B 195 -19.78 36.06 -0.11
N THR B 196 -20.00 35.27 0.95
CA THR B 196 -20.95 35.67 1.96
C THR B 196 -20.52 37.00 2.58
N VAL B 197 -19.22 37.15 2.87
CA VAL B 197 -18.77 38.23 3.73
C VAL B 197 -18.44 39.49 2.91
N THR B 198 -17.68 39.32 1.81
CA THR B 198 -17.13 40.45 1.06
C THR B 198 -17.85 40.65 -0.28
N GLY B 199 -18.61 39.64 -0.73
CA GLY B 199 -19.18 39.69 -2.06
C GLY B 199 -18.22 39.19 -3.15
N GLN B 200 -16.99 38.77 -2.81
CA GLN B 200 -15.99 38.44 -3.83
C GLN B 200 -15.97 36.93 -4.09
N SER B 201 -15.15 36.52 -5.05
CA SER B 201 -15.17 35.10 -5.48
C SER B 201 -13.76 34.50 -5.54
N TRP B 202 -13.68 33.18 -5.70
CA TRP B 202 -12.41 32.44 -5.86
C TRP B 202 -11.44 33.26 -6.69
N PRO B 203 -10.27 33.61 -6.15
CA PRO B 203 -9.33 34.44 -6.88
C PRO B 203 -8.51 33.71 -7.94
N GLU B 204 -8.22 34.41 -9.04
CA GLU B 204 -7.35 33.83 -10.08
C GLU B 204 -6.11 33.26 -9.41
N SER B 205 -5.68 33.92 -8.34
CA SER B 205 -4.48 33.43 -7.66
C SER B 205 -4.60 31.97 -7.24
N LEU B 206 -5.78 31.62 -6.73
CA LEU B 206 -5.98 30.26 -6.25
C LEU B 206 -6.32 29.33 -7.41
N VAL B 207 -6.79 29.91 -8.52
CA VAL B 207 -6.91 29.20 -9.78
C VAL B 207 -5.52 28.71 -10.19
N GLN B 208 -4.54 29.62 -10.22
CA GLN B 208 -3.17 29.29 -10.55
C GLN B 208 -2.61 28.24 -9.58
N LYS B 209 -2.87 28.40 -8.28
CA LYS B 209 -2.23 27.54 -7.31
C LYS B 209 -2.80 26.12 -7.43
N THR B 210 -4.15 26.02 -7.56
CA THR B 210 -4.87 24.77 -7.31
C THR B 210 -5.26 24.11 -8.63
N GLY B 211 -5.42 24.95 -9.66
CA GLY B 211 -6.01 24.54 -10.91
C GLY B 211 -7.54 24.40 -10.82
N TYR B 212 -8.12 24.70 -9.65
CA TYR B 212 -9.57 24.67 -9.56
C TYR B 212 -10.18 25.99 -10.03
N THR B 213 -11.23 25.89 -10.86
CA THR B 213 -12.09 27.03 -11.19
C THR B 213 -13.45 26.93 -10.50
N LEU B 214 -14.20 28.04 -10.47
CA LEU B 214 -15.56 28.01 -9.98
C LEU B 214 -16.36 26.90 -10.67
N GLU B 215 -16.03 26.61 -11.93
CA GLU B 215 -16.69 25.54 -12.66
C GLU B 215 -16.35 24.19 -12.01
N THR B 216 -15.07 23.97 -11.70
CA THR B 216 -14.59 22.75 -11.06
C THR B 216 -15.33 22.59 -9.74
N LEU B 217 -15.46 23.72 -8.99
CA LEU B 217 -15.93 23.70 -7.61
C LEU B 217 -17.45 23.62 -7.51
N LYS B 218 -18.15 23.95 -8.60
CA LYS B 218 -19.60 24.07 -8.64
C LYS B 218 -20.29 22.92 -7.90
N PRO B 219 -20.04 21.62 -8.22
CA PRO B 219 -20.79 20.53 -7.57
C PRO B 219 -20.64 20.54 -6.04
N CYS B 220 -19.42 20.81 -5.57
CA CYS B 220 -19.19 20.88 -4.15
C CYS B 220 -19.81 22.15 -3.58
N LEU B 221 -19.75 23.25 -4.33
CA LEU B 221 -20.37 24.50 -3.91
C LEU B 221 -21.88 24.34 -3.73
N LEU B 222 -22.55 23.72 -4.71
CA LEU B 222 -23.99 23.54 -4.63
C LEU B 222 -24.38 22.82 -3.33
N ASP B 223 -23.57 21.82 -2.96
CA ASP B 223 -23.84 21.00 -1.80
C ASP B 223 -23.56 21.84 -0.55
N LEU B 224 -22.39 22.46 -0.49
CA LEU B 224 -21.95 23.16 0.71
C LEU B 224 -22.85 24.34 1.02
N HIS B 225 -23.35 25.00 -0.03
CA HIS B 225 -24.29 26.14 0.14
C HIS B 225 -25.61 25.64 0.75
N GLN B 226 -26.06 24.47 0.32
CA GLN B 226 -27.30 23.90 0.86
C GLN B 226 -27.09 23.60 2.36
N THR B 227 -25.96 23.01 2.73
CA THR B 227 -25.66 22.68 4.14
C THR B 227 -25.69 23.96 4.96
N TYR B 228 -25.18 25.06 4.42
CA TYR B 228 -25.20 26.37 5.13
C TYR B 228 -26.64 26.81 5.34
N LEU B 229 -27.45 26.75 4.30
CA LEU B 229 -28.88 27.18 4.39
C LEU B 229 -29.65 26.29 5.38
N ARG B 230 -29.26 25.03 5.52
CA ARG B 230 -30.01 24.09 6.38
C ARG B 230 -29.32 23.94 7.74
N ALA B 231 -28.17 24.57 7.93
CA ALA B 231 -27.42 24.43 9.18
C ALA B 231 -28.33 24.61 10.40
N PRO B 232 -29.16 25.69 10.50
CA PRO B 232 -30.02 25.86 11.68
C PRO B 232 -30.95 24.69 12.00
N GLN B 233 -31.29 23.87 10.98
CA GLN B 233 -32.29 22.84 11.17
C GLN B 233 -31.65 21.47 11.26
N HIS B 234 -30.33 21.37 11.09
CA HIS B 234 -29.66 20.08 11.20
C HIS B 234 -29.89 19.48 12.59
N ALA B 235 -30.00 18.14 12.69
CA ALA B 235 -30.10 17.49 13.99
C ALA B 235 -28.84 17.73 14.83
N GLN B 236 -27.69 17.97 14.19
CA GLN B 236 -26.45 18.22 14.90
C GLN B 236 -26.19 19.73 14.96
N GLN B 237 -25.97 20.25 16.18
CA GLN B 237 -25.86 21.68 16.45
C GLN B 237 -24.50 22.10 17.03
N SER B 238 -23.61 21.16 17.37
CA SER B 238 -22.41 21.44 18.15
C SER B 238 -21.47 22.41 17.44
N ILE B 239 -21.42 22.32 16.11
CA ILE B 239 -20.55 23.21 15.33
C ILE B 239 -21.09 24.64 15.29
N ARG B 240 -22.39 24.84 15.05
CA ARG B 240 -22.90 26.19 15.00
C ARG B 240 -22.69 26.88 16.35
N GLU B 241 -22.90 26.12 17.44
CA GLU B 241 -22.80 26.58 18.82
C GLU B 241 -21.36 27.05 19.04
N LYS B 242 -20.41 26.16 18.70
CA LYS B 242 -18.99 26.45 18.76
C LYS B 242 -18.69 27.75 18.04
N TYR B 243 -19.24 27.92 16.83
CA TYR B 243 -18.88 29.09 16.04
C TYR B 243 -19.71 30.32 16.38
N LYS B 244 -20.49 30.29 17.48
CA LYS B 244 -21.12 31.49 18.02
C LYS B 244 -20.09 32.30 18.81
N ASN B 245 -19.03 31.62 19.25
CA ASN B 245 -18.01 32.16 20.15
C ASN B 245 -17.24 33.30 19.49
N SER B 246 -16.91 34.31 20.29
CA SER B 246 -16.13 35.43 19.81
C SER B 246 -14.81 34.97 19.20
N LYS B 247 -14.27 33.85 19.71
CA LYS B 247 -12.99 33.31 19.29
C LYS B 247 -13.01 33.12 17.78
N TYR B 248 -14.21 32.82 17.26
CA TYR B 248 -14.43 32.56 15.85
C TYR B 248 -15.35 33.63 15.27
N HIS B 249 -15.29 34.83 15.84
CA HIS B 249 -15.94 36.04 15.36
C HIS B 249 -17.43 35.81 15.09
N GLY B 250 -18.04 34.88 15.84
CA GLY B 250 -19.49 34.65 15.83
C GLY B 250 -20.02 34.36 14.44
N VAL B 251 -19.21 33.68 13.60
CA VAL B 251 -19.58 33.61 12.20
C VAL B 251 -20.84 32.76 11.99
N SER B 252 -21.11 31.77 12.86
CA SER B 252 -22.29 30.95 12.68
C SER B 252 -23.57 31.79 12.76
N LEU B 253 -23.43 33.09 13.10
CA LEU B 253 -24.59 33.95 13.25
C LEU B 253 -24.84 34.76 11.96
N LEU B 254 -23.84 34.77 11.07
CA LEU B 254 -23.92 35.44 9.78
C LEU B 254 -25.01 34.72 8.98
N ASN B 255 -25.79 35.48 8.22
CA ASN B 255 -26.81 34.87 7.34
C ASN B 255 -26.18 34.34 6.05
N PRO B 256 -26.49 33.08 5.66
CA PRO B 256 -26.03 32.55 4.39
C PRO B 256 -26.66 33.39 3.26
N PRO B 257 -25.99 33.50 2.08
CA PRO B 257 -26.57 34.26 0.97
C PRO B 257 -27.66 33.37 0.38
N GLU B 258 -28.69 33.99 -0.19
CA GLU B 258 -29.82 33.23 -0.74
C GLU B 258 -29.43 32.51 -2.04
N THR B 259 -28.60 33.17 -2.87
CA THR B 259 -28.14 32.63 -4.14
C THR B 259 -26.63 32.81 -4.29
N LEU B 260 -26.05 32.00 -5.18
CA LEU B 260 -24.61 31.98 -5.38
C LEU B 260 -24.21 32.76 -6.64
N ASN B 261 -25.17 32.95 -7.53
CA ASN B 261 -24.91 33.74 -8.76
C ASN B 261 -23.59 33.23 -9.36
N VAL B 262 -23.50 31.92 -9.58
CA VAL B 262 -22.27 31.32 -10.16
C VAL B 262 -22.43 31.32 -11.69
N HIS B 263 -21.60 32.06 -12.42
CA HIS B 263 -21.80 32.21 -13.88
C HIS B 263 -20.62 31.73 -14.71
N HIS B 264 -20.84 31.57 -16.01
CA HIS B 264 -19.76 31.10 -16.91
C HIS B 264 -19.01 32.28 -17.53
N HIS B 265 -17.69 32.24 -17.46
CA HIS B 265 -16.83 33.23 -18.09
C HIS B 265 -16.56 32.80 -19.54
N HIS B 266 -16.96 33.63 -20.52
CA HIS B 266 -16.90 33.24 -21.92
C HIS B 266 -15.51 33.53 -22.50
N HIS B 267 -14.77 32.46 -22.86
CA HIS B 267 -13.48 32.53 -23.54
C HIS B 267 -12.41 33.11 -22.62
N HIS B 268 -12.31 32.57 -21.38
CA HIS B 268 -11.31 32.89 -20.37
C HIS B 268 -10.55 31.61 -19.99
N SER C 4 -1.75 -11.21 18.87
CA SER C 4 -2.04 -11.44 17.43
C SER C 4 -3.53 -11.74 17.27
N MET C 5 -4.01 -12.75 17.99
CA MET C 5 -5.44 -13.11 17.93
C MET C 5 -6.07 -12.73 19.28
N GLU C 6 -5.44 -11.80 20.00
CA GLU C 6 -5.92 -11.34 21.33
C GLU C 6 -7.26 -10.63 21.17
N ASN C 7 -7.51 -10.05 20.00
CA ASN C 7 -8.75 -9.26 19.82
C ASN C 7 -9.85 -10.18 19.30
N PHE C 8 -9.53 -11.45 19.11
CA PHE C 8 -10.53 -12.38 18.53
C PHE C 8 -10.96 -13.37 19.60
N GLN C 9 -12.26 -13.41 19.86
CA GLN C 9 -12.81 -14.36 20.85
C GLN C 9 -13.56 -15.47 20.12
N LYS C 10 -13.15 -16.72 20.29
CA LYS C 10 -13.84 -17.77 19.56
C LYS C 10 -15.14 -18.12 20.26
N VAL C 11 -16.06 -18.68 19.49
CA VAL C 11 -17.47 -18.80 19.84
C VAL C 11 -17.91 -20.25 19.62
N GLU C 12 -17.68 -20.77 18.41
CA GLU C 12 -18.01 -22.16 18.14
C GLU C 12 -17.22 -22.62 16.91
N LYS C 13 -17.03 -23.93 16.77
CA LYS C 13 -16.45 -24.52 15.57
C LYS C 13 -17.51 -24.45 14.47
N ILE C 14 -17.13 -24.04 13.25
CA ILE C 14 -18.10 -23.92 12.18
C ILE C 14 -18.08 -25.20 11.34
N GLY C 15 -16.86 -25.61 11.00
CA GLY C 15 -16.58 -26.66 10.04
C GLY C 15 -15.15 -27.13 10.25
N GLU C 16 -14.64 -27.93 9.31
CA GLU C 16 -13.26 -28.48 9.46
C GLU C 16 -12.82 -29.08 8.14
N GLY C 17 -11.53 -29.38 8.03
CA GLY C 17 -11.04 -30.07 6.82
C GLY C 17 -9.60 -30.52 6.98
N THR C 18 -8.92 -30.75 5.86
CA THR C 18 -7.47 -30.98 5.93
C THR C 18 -6.90 -29.59 6.03
N TYR C 19 -7.75 -28.58 5.81
CA TYR C 19 -7.33 -27.15 5.90
C TYR C 19 -7.27 -26.72 7.34
N GLY C 20 -7.19 -27.66 8.27
CA GLY C 20 -7.27 -27.30 9.69
C GLY C 20 -8.71 -27.07 10.06
N VAL C 21 -8.95 -26.27 11.10
CA VAL C 21 -10.35 -26.04 11.55
C VAL C 21 -10.79 -24.62 11.18
N VAL C 22 -12.10 -24.39 11.16
CA VAL C 22 -12.70 -23.10 10.85
C VAL C 22 -13.63 -22.75 12.01
N TYR C 23 -13.45 -21.55 12.60
CA TYR C 23 -14.16 -21.20 13.81
C TYR C 23 -14.86 -19.87 13.63
N LYS C 24 -15.99 -19.74 14.32
CA LYS C 24 -16.70 -18.48 14.40
C LYS C 24 -16.05 -17.72 15.52
N ALA C 25 -15.85 -16.42 15.29
CA ALA C 25 -15.16 -15.60 16.28
C ALA C 25 -15.83 -14.23 16.29
N ARG C 26 -15.53 -13.47 17.36
N ARG C 26 -15.50 -13.42 17.30
CA ARG C 26 -15.98 -12.11 17.52
CA ARG C 26 -16.06 -12.08 17.42
C ARG C 26 -14.74 -11.23 17.68
C ARG C 26 -14.94 -11.12 17.81
N ASN C 27 -14.70 -10.12 16.95
CA ASN C 27 -13.75 -9.06 17.25
C ASN C 27 -14.18 -8.36 18.55
N LYS C 28 -13.34 -8.44 19.58
CA LYS C 28 -13.73 -7.96 20.88
C LYS C 28 -13.92 -6.45 20.83
N LEU C 29 -13.16 -5.80 19.92
CA LEU C 29 -13.06 -4.34 19.91
C LEU C 29 -14.12 -3.71 19.00
N THR C 30 -14.35 -4.33 17.83
CA THR C 30 -15.27 -3.80 16.84
C THR C 30 -16.64 -4.46 16.94
N GLY C 31 -16.71 -5.66 17.51
CA GLY C 31 -17.98 -6.38 17.60
C GLY C 31 -18.24 -7.25 16.36
N GLU C 32 -17.38 -7.13 15.35
CA GLU C 32 -17.55 -7.81 14.09
C GLU C 32 -17.39 -9.30 14.30
N VAL C 33 -18.32 -10.08 13.73
CA VAL C 33 -18.32 -11.53 13.79
C VAL C 33 -17.62 -12.04 12.53
N VAL C 34 -16.70 -12.99 12.69
CA VAL C 34 -15.88 -13.45 11.57
C VAL C 34 -15.78 -14.97 11.59
N ALA C 35 -15.23 -15.51 10.51
CA ALA C 35 -14.84 -16.91 10.47
C ALA C 35 -13.32 -16.96 10.36
N LEU C 36 -12.66 -17.69 11.27
CA LEU C 36 -11.22 -17.84 11.28
C LEU C 36 -10.87 -19.22 10.72
N LYS C 37 -10.17 -19.27 9.59
CA LYS C 37 -9.65 -20.53 9.09
C LYS C 37 -8.18 -20.61 9.52
N LYS C 38 -7.84 -21.51 10.44
CA LYS C 38 -6.49 -21.68 10.93
C LYS C 38 -5.77 -22.73 10.07
N ILE C 39 -4.69 -22.34 9.39
CA ILE C 39 -3.92 -23.21 8.51
C ILE C 39 -2.67 -23.64 9.24
N ARG C 40 -2.51 -24.96 9.39
CA ARG C 40 -1.45 -25.51 10.23
C ARG C 40 -0.16 -25.56 9.42
N LEU C 41 0.89 -24.92 9.94
CA LEU C 41 2.14 -24.77 9.21
C LEU C 41 3.13 -25.88 9.56
N ASP C 42 3.74 -26.40 8.33
CA ASP C 42 4.81 -27.42 8.46
C ASP C 42 6.13 -26.65 8.50
N THR C 43 6.61 -26.26 9.81
CA THR C 43 7.71 -25.32 9.78
C THR C 43 9.07 -26.03 9.74
N GLU C 44 9.09 -27.37 9.69
CA GLU C 44 10.35 -28.08 9.60
C GLU C 44 10.24 -29.04 8.41
N THR C 45 9.14 -28.98 7.66
CA THR C 45 8.93 -29.95 6.61
C THR C 45 8.47 -29.34 5.29
N GLU C 46 7.18 -28.99 5.18
N GLU C 46 7.21 -28.94 5.16
CA GLU C 46 6.57 -28.62 3.91
CA GLU C 46 6.76 -28.57 3.83
C GLU C 46 6.51 -27.10 3.75
C GLU C 46 6.40 -27.08 3.73
N GLY C 47 6.38 -26.35 4.85
CA GLY C 47 6.16 -24.91 4.82
C GLY C 47 4.68 -24.58 4.61
N VAL C 48 4.38 -23.42 4.01
CA VAL C 48 3.00 -23.02 3.78
C VAL C 48 2.43 -23.88 2.65
N PRO C 49 1.29 -24.59 2.85
CA PRO C 49 0.72 -25.43 1.78
C PRO C 49 0.28 -24.65 0.56
N SER C 50 0.51 -25.23 -0.59
CA SER C 50 0.15 -24.63 -1.88
C SER C 50 -1.33 -24.18 -1.88
N THR C 51 -2.21 -24.92 -1.20
CA THR C 51 -3.65 -24.58 -1.09
C THR C 51 -3.84 -23.22 -0.46
N ALA C 52 -3.13 -22.98 0.62
CA ALA C 52 -3.21 -21.70 1.33
C ALA C 52 -2.65 -20.59 0.45
N ILE C 53 -1.62 -20.91 -0.32
CA ILE C 53 -0.96 -19.90 -1.11
C ILE C 53 -1.91 -19.43 -2.19
N ARG C 54 -2.52 -20.40 -2.86
CA ARG C 54 -3.46 -20.11 -3.92
C ARG C 54 -4.70 -19.42 -3.35
N GLU C 55 -5.20 -19.96 -2.23
CA GLU C 55 -6.43 -19.41 -1.66
C GLU C 55 -6.21 -17.94 -1.31
N ILE C 56 -5.15 -17.65 -0.57
CA ILE C 56 -4.88 -16.29 -0.10
C ILE C 56 -4.66 -15.34 -1.29
N SER C 57 -3.80 -15.76 -2.23
CA SER C 57 -3.40 -14.90 -3.34
C SER C 57 -4.59 -14.63 -4.24
N LEU C 58 -5.39 -15.66 -4.49
CA LEU C 58 -6.53 -15.54 -5.39
C LEU C 58 -7.61 -14.66 -4.76
N LEU C 59 -7.94 -14.92 -3.48
CA LEU C 59 -8.96 -14.17 -2.75
C LEU C 59 -8.58 -12.70 -2.54
N LYS C 60 -7.28 -12.40 -2.36
CA LYS C 60 -6.83 -11.02 -2.27
C LYS C 60 -7.25 -10.25 -3.52
N GLU C 61 -7.27 -10.95 -4.66
CA GLU C 61 -7.57 -10.33 -5.94
C GLU C 61 -9.07 -10.18 -6.10
N LEU C 62 -9.83 -11.25 -5.90
CA LEU C 62 -11.25 -11.27 -6.17
C LEU C 62 -12.02 -10.47 -5.10
N ASN C 63 -12.49 -9.26 -5.47
CA ASN C 63 -13.35 -8.46 -4.61
C ASN C 63 -14.68 -8.25 -5.31
N HIS C 64 -15.68 -9.00 -4.84
CA HIS C 64 -16.99 -9.06 -5.46
C HIS C 64 -18.01 -9.42 -4.41
N PRO C 65 -19.22 -8.83 -4.47
CA PRO C 65 -20.24 -9.13 -3.47
C PRO C 65 -20.74 -10.57 -3.41
N ASN C 66 -20.38 -11.41 -4.41
CA ASN C 66 -20.83 -12.81 -4.48
C ASN C 66 -19.63 -13.76 -4.35
N ILE C 67 -18.50 -13.21 -3.85
CA ILE C 67 -17.34 -13.99 -3.42
C ILE C 67 -17.02 -13.66 -1.95
N VAL C 68 -16.88 -14.71 -1.13
CA VAL C 68 -16.60 -14.50 0.28
C VAL C 68 -15.39 -13.58 0.43
N LYS C 69 -15.48 -12.70 1.42
CA LYS C 69 -14.50 -11.65 1.63
C LYS C 69 -13.44 -12.14 2.61
N LEU C 70 -12.20 -12.12 2.14
CA LEU C 70 -11.06 -12.30 3.01
C LEU C 70 -10.70 -10.93 3.60
N LEU C 71 -10.81 -10.79 4.93
CA LEU C 71 -10.64 -9.52 5.60
C LEU C 71 -9.17 -9.33 5.95
N ASP C 72 -8.49 -10.43 6.32
CA ASP C 72 -7.13 -10.32 6.84
C ASP C 72 -6.41 -11.67 6.85
N VAL C 73 -5.09 -11.58 7.03
CA VAL C 73 -4.27 -12.77 7.14
C VAL C 73 -3.27 -12.50 8.26
N ILE C 74 -3.37 -13.31 9.34
CA ILE C 74 -2.57 -13.12 10.54
C ILE C 74 -1.49 -14.19 10.60
N HIS C 75 -0.22 -13.74 10.67
CA HIS C 75 0.91 -14.67 10.60
C HIS C 75 1.52 -14.76 11.98
N THR C 76 1.89 -15.98 12.36
CA THR C 76 2.79 -16.16 13.48
C THR C 76 3.96 -16.94 12.91
N GLU C 77 4.98 -17.16 13.74
CA GLU C 77 6.10 -18.00 13.35
C GLU C 77 5.61 -19.40 12.99
N ASN C 78 4.56 -19.88 13.65
CA ASN C 78 4.15 -21.31 13.48
C ASN C 78 2.72 -21.48 12.95
N LYS C 79 1.92 -20.43 12.85
CA LYS C 79 0.51 -20.63 12.42
C LYS C 79 0.06 -19.52 11.44
N LEU C 80 -0.95 -19.83 10.64
CA LEU C 80 -1.50 -18.82 9.70
C LEU C 80 -3.00 -18.77 9.90
N TYR C 81 -3.56 -17.57 9.95
CA TYR C 81 -5.01 -17.45 10.22
C TYR C 81 -5.68 -16.59 9.18
N LEU C 82 -6.55 -17.19 8.38
CA LEU C 82 -7.36 -16.40 7.49
C LEU C 82 -8.60 -15.89 8.23
N VAL C 83 -8.79 -14.57 8.24
CA VAL C 83 -9.99 -13.95 8.78
C VAL C 83 -10.93 -13.67 7.61
N PHE C 84 -12.11 -14.31 7.63
CA PHE C 84 -13.16 -14.14 6.63
C PHE C 84 -14.40 -13.45 7.23
N GLU C 85 -15.19 -12.79 6.39
CA GLU C 85 -16.49 -12.34 6.85
C GLU C 85 -17.28 -13.59 7.23
N PHE C 86 -18.07 -13.51 8.30
CA PHE C 86 -18.94 -14.60 8.71
C PHE C 86 -20.24 -14.54 7.90
N LEU C 87 -20.60 -15.67 7.27
CA LEU C 87 -21.93 -15.81 6.72
C LEU C 87 -22.63 -16.97 7.42
N HIS C 88 -23.96 -16.84 7.52
CA HIS C 88 -24.80 -17.53 8.48
C HIS C 88 -24.73 -19.05 8.36
N GLN C 89 -24.68 -19.53 7.10
CA GLN C 89 -24.48 -20.95 6.82
C GLN C 89 -24.31 -21.18 5.32
N ASP C 90 -24.15 -22.48 4.99
CA ASP C 90 -23.91 -22.94 3.63
C ASP C 90 -25.22 -23.43 3.00
N LEU C 91 -25.22 -23.46 1.66
CA LEU C 91 -26.36 -23.83 0.85
C LEU C 91 -26.79 -25.26 1.18
N LYS C 92 -25.82 -26.17 1.43
CA LYS C 92 -26.14 -27.53 1.79
C LYS C 92 -27.09 -27.58 2.99
N LYS C 93 -26.80 -26.84 4.06
CA LYS C 93 -27.62 -26.96 5.27
C LYS C 93 -29.00 -26.35 5.05
N PHE C 94 -29.04 -25.25 4.28
CA PHE C 94 -30.29 -24.60 3.91
C PHE C 94 -31.18 -25.57 3.14
N MET C 95 -30.57 -26.22 2.13
CA MET C 95 -31.23 -27.28 1.36
C MET C 95 -31.79 -28.33 2.31
N ASP C 96 -30.99 -28.85 3.24
CA ASP C 96 -31.48 -29.88 4.16
C ASP C 96 -32.62 -29.31 5.00
N ALA C 97 -32.50 -28.06 5.46
CA ALA C 97 -33.55 -27.49 6.29
C ALA C 97 -34.82 -27.36 5.46
N SER C 98 -34.65 -27.25 4.12
CA SER C 98 -35.75 -27.04 3.21
C SER C 98 -36.18 -28.32 2.49
N ALA C 99 -35.78 -29.48 3.02
CA ALA C 99 -36.08 -30.77 2.43
C ALA C 99 -37.59 -31.02 2.32
N LEU C 100 -38.35 -30.57 3.32
CA LEU C 100 -39.79 -30.78 3.29
C LEU C 100 -40.52 -29.58 2.68
N THR C 101 -40.25 -28.34 3.14
CA THR C 101 -40.94 -27.12 2.72
C THR C 101 -40.69 -26.84 1.23
N GLY C 102 -39.44 -26.92 0.81
CA GLY C 102 -39.05 -26.50 -0.53
C GLY C 102 -38.34 -25.14 -0.48
N ILE C 103 -37.61 -24.82 -1.56
CA ILE C 103 -37.03 -23.49 -1.73
C ILE C 103 -37.89 -22.77 -2.76
N PRO C 104 -38.44 -21.59 -2.42
CA PRO C 104 -39.33 -20.85 -3.32
C PRO C 104 -38.57 -20.56 -4.62
N LEU C 105 -39.26 -20.60 -5.77
CA LEU C 105 -38.57 -20.44 -7.04
C LEU C 105 -37.87 -19.08 -7.15
N PRO C 106 -38.52 -17.95 -6.79
CA PRO C 106 -37.80 -16.68 -6.62
C PRO C 106 -36.40 -16.78 -6.02
N LEU C 107 -36.28 -17.45 -4.86
CA LEU C 107 -35.00 -17.52 -4.17
C LEU C 107 -34.00 -18.37 -4.96
N ILE C 108 -34.50 -19.43 -5.62
CA ILE C 108 -33.62 -20.31 -6.38
C ILE C 108 -32.99 -19.51 -7.53
N LYS C 109 -33.79 -18.62 -8.10
CA LYS C 109 -33.44 -17.78 -9.22
C LYS C 109 -32.40 -16.76 -8.75
N SER C 110 -32.66 -16.11 -7.61
CA SER C 110 -31.76 -15.12 -7.05
C SER C 110 -30.43 -15.77 -6.70
N TYR C 111 -30.45 -17.04 -6.30
CA TYR C 111 -29.23 -17.70 -5.88
C TYR C 111 -28.43 -18.09 -7.11
N LEU C 112 -29.10 -18.64 -8.13
CA LEU C 112 -28.38 -19.00 -9.35
C LEU C 112 -27.77 -17.74 -9.99
N PHE C 113 -28.49 -16.62 -9.90
CA PHE C 113 -28.09 -15.42 -10.60
C PHE C 113 -26.81 -14.86 -9.99
N GLN C 114 -26.78 -14.82 -8.66
CA GLN C 114 -25.64 -14.29 -7.92
C GLN C 114 -24.48 -15.26 -8.03
N LEU C 115 -24.78 -16.57 -8.05
CA LEU C 115 -23.74 -17.57 -8.16
C LEU C 115 -23.04 -17.39 -9.49
N LEU C 116 -23.83 -17.12 -10.55
CA LEU C 116 -23.30 -16.89 -11.88
C LEU C 116 -22.50 -15.59 -11.94
N GLN C 117 -22.92 -14.57 -11.18
CA GLN C 117 -22.22 -13.29 -11.19
C GLN C 117 -20.85 -13.51 -10.55
N GLY C 118 -20.86 -14.22 -9.41
CA GLY C 118 -19.65 -14.60 -8.71
C GLY C 118 -18.68 -15.29 -9.67
N LEU C 119 -19.18 -16.32 -10.37
CA LEU C 119 -18.35 -17.16 -11.21
C LEU C 119 -17.86 -16.41 -12.44
N ALA C 120 -18.73 -15.58 -13.05
CA ALA C 120 -18.33 -14.76 -14.18
C ALA C 120 -17.13 -13.88 -13.79
N PHE C 121 -17.21 -13.29 -12.59
CA PHE C 121 -16.08 -12.54 -12.04
C PHE C 121 -14.83 -13.42 -11.98
N CYS C 122 -14.96 -14.61 -11.37
CA CYS C 122 -13.83 -15.54 -11.27
C CYS C 122 -13.24 -15.83 -12.64
N HIS C 123 -14.12 -16.18 -13.60
CA HIS C 123 -13.69 -16.57 -14.93
C HIS C 123 -13.04 -15.38 -15.64
N SER C 124 -13.53 -14.18 -15.35
CA SER C 124 -13.02 -13.01 -16.05
C SER C 124 -11.72 -12.53 -15.40
N HIS C 125 -11.34 -13.17 -14.29
CA HIS C 125 -10.06 -12.82 -13.63
C HIS C 125 -9.18 -14.07 -13.66
N ARG C 126 -9.21 -14.81 -14.77
CA ARG C 126 -8.38 -16.03 -14.95
C ARG C 126 -8.35 -16.91 -13.67
N VAL C 127 -9.52 -17.23 -13.12
CA VAL C 127 -9.53 -18.05 -11.90
C VAL C 127 -10.59 -19.15 -12.04
N LEU C 128 -10.15 -20.42 -12.03
CA LEU C 128 -11.08 -21.55 -11.92
C LEU C 128 -11.34 -21.82 -10.45
N HIS C 129 -12.61 -22.10 -10.07
CA HIS C 129 -12.91 -22.42 -8.68
C HIS C 129 -12.66 -23.90 -8.41
N ARG C 130 -13.32 -24.78 -9.18
CA ARG C 130 -12.91 -26.18 -9.25
C ARG C 130 -13.42 -26.97 -8.06
N ASP C 131 -14.26 -26.36 -7.23
CA ASP C 131 -14.84 -27.12 -6.14
C ASP C 131 -16.18 -26.53 -5.74
N LEU C 132 -17.00 -26.23 -6.74
CA LEU C 132 -18.30 -25.70 -6.40
C LEU C 132 -19.22 -26.87 -6.01
N LYS C 133 -19.74 -26.81 -4.79
CA LYS C 133 -20.76 -27.73 -4.32
C LYS C 133 -21.53 -26.95 -3.26
N PRO C 134 -22.72 -27.40 -2.82
CA PRO C 134 -23.52 -26.56 -1.93
C PRO C 134 -22.79 -26.21 -0.64
N GLN C 135 -21.88 -27.09 -0.20
CA GLN C 135 -21.15 -26.98 1.07
C GLN C 135 -20.16 -25.81 1.01
N ASN C 136 -19.89 -25.30 -0.20
CA ASN C 136 -18.92 -24.25 -0.37
C ASN C 136 -19.58 -22.97 -0.84
N LEU C 137 -20.91 -22.87 -0.69
CA LEU C 137 -21.62 -21.64 -1.02
C LEU C 137 -22.30 -21.15 0.25
N LEU C 138 -22.04 -19.89 0.60
CA LEU C 138 -22.50 -19.36 1.89
C LEU C 138 -23.62 -18.34 1.66
N ILE C 139 -24.64 -18.44 2.53
CA ILE C 139 -25.75 -17.52 2.42
C ILE C 139 -25.80 -16.67 3.68
N ASN C 140 -26.27 -15.42 3.54
CA ASN C 140 -26.59 -14.63 4.71
C ASN C 140 -28.11 -14.65 4.96
N THR C 141 -28.56 -13.83 5.94
CA THR C 141 -29.96 -13.79 6.34
C THR C 141 -30.74 -12.85 5.42
N GLU C 142 -30.00 -12.14 4.55
CA GLU C 142 -30.53 -11.03 3.78
C GLU C 142 -30.51 -11.32 2.28
N GLY C 143 -30.40 -12.61 1.90
CA GLY C 143 -30.68 -13.00 0.53
C GLY C 143 -29.43 -13.14 -0.36
N ALA C 144 -28.24 -12.93 0.22
CA ALA C 144 -27.02 -13.08 -0.56
C ALA C 144 -26.51 -14.51 -0.46
N ILE C 145 -25.87 -14.94 -1.57
CA ILE C 145 -25.09 -16.16 -1.59
C ILE C 145 -23.71 -15.82 -2.14
N LYS C 146 -22.67 -16.52 -1.66
CA LYS C 146 -21.31 -16.21 -2.10
C LYS C 146 -20.51 -17.48 -2.37
N LEU C 147 -19.58 -17.42 -3.33
CA LEU C 147 -18.62 -18.50 -3.55
C LEU C 147 -17.63 -18.45 -2.39
N ALA C 148 -17.35 -19.63 -1.85
CA ALA C 148 -16.33 -19.73 -0.82
C ALA C 148 -15.50 -21.00 -1.03
N ASP C 149 -14.57 -21.20 -0.12
CA ASP C 149 -13.56 -22.24 -0.17
C ASP C 149 -12.83 -22.29 -1.52
N PHE C 150 -11.84 -21.38 -1.69
CA PHE C 150 -10.99 -21.37 -2.88
C PHE C 150 -9.72 -22.21 -2.69
N GLY C 151 -9.81 -23.22 -1.82
CA GLY C 151 -8.72 -24.14 -1.56
C GLY C 151 -8.27 -24.92 -2.79
N LEU C 152 -9.20 -25.17 -3.74
CA LEU C 152 -8.87 -25.94 -4.93
C LEU C 152 -8.83 -25.03 -6.17
N ALA C 153 -8.73 -23.73 -5.95
CA ALA C 153 -8.82 -22.78 -7.05
C ALA C 153 -7.48 -22.64 -7.75
N ARG C 154 -7.50 -22.20 -9.01
CA ARG C 154 -6.26 -22.05 -9.76
C ARG C 154 -6.37 -20.89 -10.72
N ALA C 155 -5.25 -20.18 -10.94
CA ALA C 155 -5.18 -19.12 -11.92
C ALA C 155 -4.79 -19.77 -13.25
N PHE C 156 -5.62 -19.66 -14.29
CA PHE C 156 -5.31 -20.37 -15.52
C PHE C 156 -4.63 -19.49 -16.57
N GLY C 157 -3.97 -20.10 -17.57
CA GLY C 157 -3.43 -19.36 -18.71
C GLY C 157 -4.40 -19.43 -19.89
N VAL C 158 -4.15 -18.62 -20.94
CA VAL C 158 -4.99 -18.63 -22.15
C VAL C 158 -4.11 -18.91 -23.38
N PRO C 159 -4.14 -20.10 -24.02
CA PRO C 159 -5.06 -21.17 -23.66
C PRO C 159 -4.66 -21.94 -22.42
N VAL C 160 -5.55 -22.81 -21.96
CA VAL C 160 -5.30 -23.54 -20.70
C VAL C 160 -4.31 -24.70 -20.94
N ARG C 161 -3.60 -25.10 -19.89
CA ARG C 161 -2.69 -26.27 -19.99
C ARG C 161 -3.29 -27.37 -19.09
N THR C 162 -2.70 -28.57 -19.11
CA THR C 162 -3.22 -29.65 -18.27
C THR C 162 -3.16 -29.20 -16.82
N TYR C 163 -4.28 -29.30 -16.10
CA TYR C 163 -4.24 -28.93 -14.66
C TYR C 163 -4.44 -30.19 -13.82
N TPO C 164 -4.44 -30.06 -12.49
CA TPO C 164 -4.54 -31.24 -11.64
CB TPO C 164 -4.66 -30.80 -10.17
CG2 TPO C 164 -4.73 -31.96 -9.20
OG1 TPO C 164 -3.47 -30.00 -9.87
P TPO C 164 -3.59 -28.40 -9.63
O1P TPO C 164 -4.07 -27.79 -10.96
O2P TPO C 164 -2.17 -27.96 -9.26
O3P TPO C 164 -4.55 -28.17 -8.51
C TPO C 164 -5.80 -32.04 -11.97
O TPO C 164 -6.86 -31.43 -12.17
N HIS C 165 -5.70 -33.37 -12.01
CA HIS C 165 -6.84 -34.22 -12.36
C HIS C 165 -7.85 -34.33 -11.22
N GLU C 166 -7.35 -34.45 -9.97
CA GLU C 166 -8.16 -34.66 -8.78
C GLU C 166 -8.84 -33.35 -8.39
N VAL C 167 -9.96 -33.00 -9.06
CA VAL C 167 -10.64 -31.74 -8.76
C VAL C 167 -12.16 -31.94 -8.79
N VAL C 168 -12.86 -31.20 -7.94
CA VAL C 168 -14.36 -31.25 -7.87
C VAL C 168 -14.84 -32.55 -7.20
N THR C 169 -15.69 -32.44 -6.19
CA THR C 169 -16.32 -33.62 -5.57
C THR C 169 -17.06 -34.37 -6.65
N LEU C 170 -16.91 -35.68 -6.71
CA LEU C 170 -17.50 -36.53 -7.78
C LEU C 170 -18.86 -36.03 -8.28
N TRP C 171 -19.83 -35.84 -7.41
CA TRP C 171 -21.21 -35.49 -7.84
C TRP C 171 -21.26 -34.23 -8.70
N TYR C 172 -20.28 -33.36 -8.58
CA TYR C 172 -20.31 -32.07 -9.31
C TYR C 172 -19.22 -32.06 -10.37
N ARG C 173 -18.48 -33.17 -10.50
CA ARG C 173 -17.37 -33.26 -11.44
C ARG C 173 -17.89 -33.43 -12.86
N ALA C 174 -17.48 -32.54 -13.76
CA ALA C 174 -17.89 -32.56 -15.16
C ALA C 174 -17.34 -33.79 -15.90
N PRO C 175 -18.06 -34.31 -16.91
CA PRO C 175 -17.57 -35.48 -17.65
C PRO C 175 -16.13 -35.47 -18.17
N GLU C 176 -15.64 -34.28 -18.59
CA GLU C 176 -14.33 -34.20 -19.23
C GLU C 176 -13.21 -34.47 -18.22
N ILE C 177 -13.52 -34.26 -16.93
CA ILE C 177 -12.59 -34.59 -15.84
C ILE C 177 -12.71 -36.06 -15.52
N LEU C 178 -13.96 -36.55 -15.52
CA LEU C 178 -14.21 -37.95 -15.26
C LEU C 178 -13.42 -38.80 -16.25
N LEU C 179 -13.47 -38.40 -17.52
CA LEU C 179 -12.94 -39.16 -18.66
C LEU C 179 -11.44 -38.98 -18.77
N GLY C 180 -10.91 -37.93 -18.12
CA GLY C 180 -9.48 -37.68 -18.04
C GLY C 180 -8.94 -37.00 -19.30
N CYS C 181 -9.73 -36.04 -19.81
CA CYS C 181 -9.32 -35.26 -20.98
C CYS C 181 -8.10 -34.42 -20.63
N LYS C 182 -7.10 -34.45 -21.51
CA LYS C 182 -5.88 -33.68 -21.35
C LYS C 182 -6.17 -32.29 -20.77
N TYR C 183 -7.17 -31.60 -21.33
CA TYR C 183 -7.41 -30.22 -20.92
C TYR C 183 -8.83 -30.10 -20.40
N TYR C 184 -9.03 -29.11 -19.50
CA TYR C 184 -10.34 -28.63 -19.10
C TYR C 184 -10.23 -27.18 -18.63
N SER C 185 -11.38 -26.50 -18.61
CA SER C 185 -11.45 -25.05 -18.58
C SER C 185 -12.63 -24.62 -17.71
N THR C 186 -13.08 -23.38 -17.89
CA THR C 186 -14.15 -22.71 -17.16
C THR C 186 -15.42 -23.53 -17.18
N ALA C 187 -15.59 -24.32 -18.24
CA ALA C 187 -16.74 -25.21 -18.40
C ALA C 187 -16.95 -26.11 -17.17
N VAL C 188 -15.89 -26.52 -16.47
CA VAL C 188 -16.05 -27.46 -15.36
C VAL C 188 -16.81 -26.80 -14.20
N ASP C 189 -16.73 -25.48 -14.06
CA ASP C 189 -17.44 -24.82 -12.97
C ASP C 189 -18.92 -24.65 -13.29
N ILE C 190 -19.23 -24.35 -14.56
CA ILE C 190 -20.61 -24.22 -15.00
C ILE C 190 -21.34 -25.53 -14.73
N TRP C 191 -20.69 -26.64 -15.08
CA TRP C 191 -21.29 -27.94 -14.87
C TRP C 191 -21.73 -28.04 -13.41
N SER C 192 -20.84 -27.61 -12.52
CA SER C 192 -21.09 -27.72 -11.11
C SER C 192 -22.30 -26.86 -10.72
N LEU C 193 -22.37 -25.61 -11.20
CA LEU C 193 -23.54 -24.77 -10.94
C LEU C 193 -24.78 -25.40 -11.54
N GLY C 194 -24.59 -26.09 -12.68
CA GLY C 194 -25.69 -26.79 -13.34
C GLY C 194 -26.28 -27.84 -12.39
N CYS C 195 -25.39 -28.65 -11.81
CA CYS C 195 -25.75 -29.64 -10.81
C CYS C 195 -26.42 -28.96 -9.62
N ILE C 196 -25.91 -27.79 -9.23
CA ILE C 196 -26.37 -27.09 -8.04
C ILE C 196 -27.73 -26.46 -8.30
N PHE C 197 -27.97 -25.97 -9.53
CA PHE C 197 -29.28 -25.47 -9.90
C PHE C 197 -30.35 -26.55 -9.69
N ALA C 198 -30.16 -27.70 -10.33
CA ALA C 198 -31.06 -28.83 -10.18
C ALA C 198 -31.27 -29.22 -8.71
N GLU C 199 -30.22 -29.13 -7.87
CA GLU C 199 -30.28 -29.56 -6.47
C GLU C 199 -31.07 -28.55 -5.61
N MET C 200 -31.09 -27.28 -6.04
CA MET C 200 -31.87 -26.27 -5.34
C MET C 200 -33.36 -26.53 -5.59
N VAL C 201 -33.69 -27.18 -6.70
CA VAL C 201 -35.07 -27.39 -7.07
C VAL C 201 -35.61 -28.58 -6.30
N THR C 202 -34.83 -29.67 -6.28
CA THR C 202 -35.26 -30.94 -5.73
C THR C 202 -34.75 -31.11 -4.29
N ARG C 203 -33.69 -30.39 -3.92
CA ARG C 203 -33.05 -30.55 -2.60
C ARG C 203 -32.44 -31.95 -2.48
N ARG C 204 -32.13 -32.55 -3.64
N ARG C 204 -32.12 -32.55 -3.65
CA ARG C 204 -31.36 -33.78 -3.75
CA ARG C 204 -31.39 -33.80 -3.78
C ARG C 204 -30.35 -33.63 -4.87
C ARG C 204 -30.36 -33.62 -4.87
N ALA C 205 -29.17 -34.21 -4.68
CA ALA C 205 -28.09 -34.15 -5.66
C ALA C 205 -28.58 -34.77 -6.97
N LEU C 206 -28.24 -34.11 -8.09
CA LEU C 206 -28.62 -34.55 -9.42
C LEU C 206 -27.86 -35.82 -9.79
N PHE C 207 -26.53 -35.86 -9.58
CA PHE C 207 -25.73 -37.01 -9.99
C PHE C 207 -24.97 -37.62 -8.79
N PRO C 208 -25.69 -38.29 -7.85
CA PRO C 208 -25.05 -38.84 -6.66
C PRO C 208 -24.31 -40.17 -6.87
N GLY C 209 -23.28 -40.17 -7.72
CA GLY C 209 -22.63 -41.42 -8.03
C GLY C 209 -21.88 -41.98 -6.82
N ASP C 210 -21.66 -43.31 -6.84
CA ASP C 210 -20.93 -44.03 -5.82
C ASP C 210 -19.51 -44.31 -6.26
N SER C 211 -19.19 -44.03 -7.52
CA SER C 211 -17.89 -44.34 -8.10
C SER C 211 -17.80 -43.59 -9.41
N GLU C 212 -16.62 -43.55 -10.01
CA GLU C 212 -16.47 -42.87 -11.29
C GLU C 212 -17.37 -43.51 -12.33
N ILE C 213 -17.40 -44.87 -12.35
CA ILE C 213 -18.26 -45.60 -13.27
C ILE C 213 -19.70 -45.12 -13.11
N ASP C 214 -20.22 -45.16 -11.87
CA ASP C 214 -21.61 -44.87 -11.55
C ASP C 214 -21.89 -43.41 -11.88
N GLN C 215 -20.95 -42.53 -11.56
CA GLN C 215 -21.14 -41.07 -11.82
C GLN C 215 -21.36 -40.87 -13.34
N LEU C 216 -20.41 -41.34 -14.16
CA LEU C 216 -20.50 -41.16 -15.63
C LEU C 216 -21.85 -41.71 -16.14
N PHE C 217 -22.22 -42.91 -15.70
CA PHE C 217 -23.47 -43.54 -16.21
C PHE C 217 -24.65 -42.65 -15.84
N ARG C 218 -24.69 -42.20 -14.59
CA ARG C 218 -25.80 -41.36 -14.12
C ARG C 218 -25.97 -40.13 -15.03
N ILE C 219 -24.84 -39.65 -15.57
CA ILE C 219 -24.82 -38.60 -16.57
C ILE C 219 -25.28 -39.13 -17.92
N PHE C 220 -24.63 -40.19 -18.41
CA PHE C 220 -24.88 -40.79 -19.71
C PHE C 220 -26.37 -41.02 -19.96
N ARG C 221 -27.12 -41.34 -18.91
CA ARG C 221 -28.50 -41.75 -19.11
C ARG C 221 -29.37 -40.53 -19.41
N THR C 222 -28.85 -39.34 -19.07
CA THR C 222 -29.49 -38.11 -19.50
C THR C 222 -29.06 -37.75 -20.94
N LEU C 223 -28.12 -38.52 -21.49
CA LEU C 223 -27.56 -38.26 -22.81
C LEU C 223 -28.51 -38.73 -23.91
N GLY C 224 -29.41 -39.66 -23.58
CA GLY C 224 -30.32 -40.25 -24.57
C GLY C 224 -29.72 -41.52 -25.20
N THR C 225 -30.03 -41.77 -26.48
CA THR C 225 -29.56 -42.95 -27.21
C THR C 225 -28.63 -42.52 -28.34
N VAL C 230 -21.02 -43.51 -30.31
CA VAL C 230 -21.77 -44.74 -29.90
C VAL C 230 -21.56 -45.01 -28.40
N TRP C 231 -20.30 -45.27 -28.02
CA TRP C 231 -19.91 -45.23 -26.63
C TRP C 231 -19.41 -43.83 -26.27
N PRO C 232 -20.15 -43.08 -25.40
CA PRO C 232 -19.71 -41.74 -24.96
C PRO C 232 -18.52 -41.64 -24.02
N GLY C 233 -18.07 -42.78 -23.45
CA GLY C 233 -16.94 -42.85 -22.54
C GLY C 233 -15.59 -42.84 -23.26
N VAL C 234 -15.41 -41.88 -24.18
CA VAL C 234 -14.16 -41.64 -24.90
C VAL C 234 -13.75 -40.19 -24.63
N THR C 235 -12.42 -39.96 -24.48
CA THR C 235 -11.90 -38.63 -24.18
C THR C 235 -12.31 -37.61 -25.25
N SER C 236 -12.76 -38.07 -26.45
CA SER C 236 -13.03 -37.22 -27.60
C SER C 236 -14.23 -36.29 -27.37
N MET C 237 -15.14 -36.71 -26.47
CA MET C 237 -16.26 -35.91 -25.98
C MET C 237 -17.26 -35.65 -27.10
N PRO C 238 -18.01 -36.68 -27.55
CA PRO C 238 -18.97 -36.50 -28.63
C PRO C 238 -20.09 -35.54 -28.20
N ASP C 239 -20.60 -34.77 -29.17
CA ASP C 239 -21.67 -33.81 -28.94
C ASP C 239 -23.01 -34.50 -28.62
N TYR C 240 -23.41 -34.40 -27.34
CA TYR C 240 -24.64 -34.94 -26.76
C TYR C 240 -25.22 -33.95 -25.73
N LYS C 241 -26.27 -33.21 -26.12
CA LYS C 241 -26.98 -32.31 -25.21
C LYS C 241 -27.99 -33.15 -24.41
N PRO C 242 -28.00 -33.06 -23.05
CA PRO C 242 -29.02 -33.77 -22.24
C PRO C 242 -30.40 -33.10 -22.07
N SER C 243 -31.34 -33.91 -21.58
CA SER C 243 -32.71 -33.53 -21.30
C SER C 243 -33.22 -34.35 -20.09
N PRO C 257 -38.41 -30.36 -12.10
CA PRO C 257 -39.85 -30.60 -12.11
C PRO C 257 -40.87 -29.47 -11.91
N PRO C 258 -40.87 -28.66 -10.83
CA PRO C 258 -41.60 -27.38 -10.87
C PRO C 258 -40.76 -26.31 -11.59
N LEU C 259 -40.21 -26.69 -12.75
CA LEU C 259 -39.29 -25.78 -13.47
C LEU C 259 -39.81 -25.49 -14.89
N ASP C 260 -39.89 -24.25 -15.28
CA ASP C 260 -40.37 -23.85 -16.63
C ASP C 260 -39.37 -24.25 -17.70
N GLU C 261 -39.70 -23.99 -18.95
CA GLU C 261 -38.85 -24.45 -20.08
C GLU C 261 -37.63 -23.54 -20.19
N ASP C 262 -37.76 -22.32 -19.68
CA ASP C 262 -36.60 -21.40 -19.68
C ASP C 262 -35.54 -22.02 -18.78
N GLY C 263 -35.89 -22.30 -17.53
CA GLY C 263 -34.96 -22.93 -16.60
C GLY C 263 -34.49 -24.24 -17.16
N ARG C 264 -35.40 -24.99 -17.78
CA ARG C 264 -35.03 -26.32 -18.29
C ARG C 264 -34.03 -26.16 -19.43
N SER C 265 -34.22 -25.14 -20.27
CA SER C 265 -33.21 -24.97 -21.31
C SER C 265 -31.89 -24.46 -20.71
N LEU C 266 -31.99 -23.50 -19.76
CA LEU C 266 -30.82 -22.98 -19.07
C LEU C 266 -30.03 -24.11 -18.40
N LEU C 267 -30.74 -25.04 -17.75
CA LEU C 267 -30.12 -26.15 -17.04
C LEU C 267 -29.39 -27.05 -18.03
N SER C 268 -30.06 -27.31 -19.16
CA SER C 268 -29.55 -28.29 -20.11
C SER C 268 -28.39 -27.70 -20.90
N GLN C 269 -28.34 -26.35 -20.98
CA GLN C 269 -27.22 -25.61 -21.55
C GLN C 269 -26.06 -25.58 -20.55
N MET C 270 -26.40 -25.61 -19.26
CA MET C 270 -25.39 -25.64 -18.23
C MET C 270 -24.82 -27.04 -18.11
N LEU C 271 -25.56 -28.04 -18.58
CA LEU C 271 -25.09 -29.41 -18.47
C LEU C 271 -24.76 -30.03 -19.83
N HIS C 272 -24.50 -29.21 -20.87
CA HIS C 272 -24.15 -29.72 -22.18
C HIS C 272 -22.93 -30.65 -22.06
N TYR C 273 -22.98 -31.78 -22.77
CA TYR C 273 -21.92 -32.78 -22.66
C TYR C 273 -20.65 -32.26 -23.36
N ASP C 274 -20.83 -31.36 -24.34
CA ASP C 274 -19.69 -30.76 -25.02
C ASP C 274 -19.29 -29.46 -24.33
N PRO C 275 -18.06 -29.41 -23.74
CA PRO C 275 -17.55 -28.23 -23.02
C PRO C 275 -17.59 -26.92 -23.81
N ASN C 276 -17.39 -27.05 -25.13
CA ASN C 276 -17.37 -25.91 -26.04
C ASN C 276 -18.78 -25.36 -26.19
N LYS C 277 -19.77 -26.24 -26.06
CA LYS C 277 -21.16 -25.86 -26.28
C LYS C 277 -21.80 -25.46 -24.97
N ARG C 278 -21.21 -25.90 -23.84
CA ARG C 278 -21.73 -25.60 -22.52
C ARG C 278 -21.80 -24.09 -22.38
N ILE C 279 -22.92 -23.58 -21.86
CA ILE C 279 -23.08 -22.14 -21.74
C ILE C 279 -21.98 -21.61 -20.83
N SER C 280 -21.38 -20.50 -21.24
CA SER C 280 -20.53 -19.75 -20.34
C SER C 280 -21.43 -19.03 -19.34
N ALA C 281 -20.85 -18.72 -18.16
CA ALA C 281 -21.48 -17.98 -17.08
C ALA C 281 -21.97 -16.61 -17.54
N LYS C 282 -21.11 -15.93 -18.31
CA LYS C 282 -21.36 -14.57 -18.73
C LYS C 282 -22.60 -14.58 -19.62
N ALA C 283 -22.68 -15.59 -20.50
CA ALA C 283 -23.87 -15.83 -21.30
C ALA C 283 -25.07 -16.16 -20.40
N ALA C 284 -24.91 -17.09 -19.44
CA ALA C 284 -26.06 -17.48 -18.65
C ALA C 284 -26.73 -16.28 -17.98
N LEU C 285 -25.97 -15.22 -17.66
CA LEU C 285 -26.52 -14.08 -16.95
C LEU C 285 -27.58 -13.39 -17.81
N ALA C 286 -27.49 -13.57 -19.13
CA ALA C 286 -28.36 -12.89 -20.08
C ALA C 286 -29.64 -13.70 -20.29
N HIS C 287 -29.57 -15.02 -20.01
CA HIS C 287 -30.67 -15.95 -20.27
C HIS C 287 -32.01 -15.37 -19.81
N PRO C 288 -33.11 -15.63 -20.57
CA PRO C 288 -34.47 -15.19 -20.21
C PRO C 288 -34.96 -15.56 -18.81
N PHE C 289 -34.50 -16.73 -18.32
CA PHE C 289 -34.83 -17.22 -17.00
C PHE C 289 -34.68 -16.10 -15.97
N PHE C 290 -33.78 -15.15 -16.26
CA PHE C 290 -33.46 -14.12 -15.28
C PHE C 290 -34.12 -12.79 -15.58
N GLN C 291 -35.11 -12.77 -16.48
CA GLN C 291 -35.76 -11.51 -16.79
C GLN C 291 -36.37 -10.91 -15.52
N ASP C 292 -37.09 -11.74 -14.75
CA ASP C 292 -37.98 -11.25 -13.71
C ASP C 292 -37.28 -11.24 -12.35
N VAL C 293 -35.96 -11.49 -12.33
CA VAL C 293 -35.22 -11.85 -11.11
C VAL C 293 -35.30 -10.74 -10.08
N THR C 294 -35.52 -11.11 -8.82
CA THR C 294 -35.50 -10.20 -7.67
C THR C 294 -34.47 -10.71 -6.66
N LYS C 295 -34.55 -10.22 -5.42
CA LYS C 295 -33.63 -10.63 -4.37
C LYS C 295 -34.39 -10.97 -3.08
N PRO C 296 -35.13 -12.12 -2.99
CA PRO C 296 -35.87 -12.47 -1.77
C PRO C 296 -34.98 -12.75 -0.55
N VAL C 297 -35.59 -12.69 0.64
CA VAL C 297 -34.93 -13.10 1.88
C VAL C 297 -35.21 -14.59 2.08
N PRO C 298 -34.28 -15.39 2.68
CA PRO C 298 -34.56 -16.81 2.92
C PRO C 298 -35.21 -16.95 4.29
N HIS C 299 -36.00 -18.01 4.45
CA HIS C 299 -36.73 -18.25 5.69
C HIS C 299 -35.89 -19.20 6.54
N LEU C 300 -35.21 -18.61 7.54
CA LEU C 300 -34.30 -19.30 8.45
C LEU C 300 -34.98 -19.38 9.83
N GLY D 1 -12.57 -23.48 -29.05
CA GLY D 1 -13.14 -24.21 -27.90
C GLY D 1 -12.89 -23.49 -26.57
N VAL D 2 -13.54 -24.01 -25.52
CA VAL D 2 -13.57 -23.37 -24.22
C VAL D 2 -12.15 -23.33 -23.64
N ASN D 3 -11.21 -24.07 -24.24
CA ASN D 3 -9.83 -24.10 -23.77
C ASN D 3 -9.14 -22.76 -24.09
N GLU D 4 -9.69 -22.02 -25.05
CA GLU D 4 -9.15 -20.73 -25.46
C GLU D 4 -10.01 -19.65 -24.80
N VAL D 5 -10.91 -20.08 -23.92
CA VAL D 5 -11.79 -19.14 -23.18
C VAL D 5 -12.28 -18.02 -24.12
N PRO D 6 -13.11 -18.29 -25.15
CA PRO D 6 -13.55 -17.20 -26.03
C PRO D 6 -14.37 -16.09 -25.38
N ASP D 7 -15.19 -16.42 -24.38
CA ASP D 7 -16.07 -15.44 -23.80
C ASP D 7 -15.33 -14.53 -22.81
N TYR D 8 -14.07 -14.83 -22.46
CA TYR D 8 -13.43 -14.01 -21.40
C TYR D 8 -12.00 -13.60 -21.76
N HIS D 9 -11.40 -14.17 -22.79
CA HIS D 9 -9.97 -13.87 -23.10
C HIS D 9 -9.69 -12.37 -23.12
N GLU D 10 -10.70 -11.55 -23.39
CA GLU D 10 -10.47 -10.09 -23.47
C GLU D 10 -10.51 -9.48 -22.06
N ASP D 11 -11.61 -9.80 -21.30
CA ASP D 11 -11.61 -9.29 -19.91
C ASP D 11 -10.32 -9.74 -19.23
N ILE D 12 -9.84 -10.90 -19.54
CA ILE D 12 -8.69 -11.52 -18.90
C ILE D 12 -7.44 -10.73 -19.27
N HIS D 13 -7.31 -10.39 -20.55
CA HIS D 13 -6.21 -9.60 -21.07
C HIS D 13 -6.18 -8.23 -20.38
N THR D 14 -7.33 -7.53 -20.39
CA THR D 14 -7.49 -6.22 -19.77
C THR D 14 -7.00 -6.24 -18.31
N TYR D 15 -7.34 -7.31 -17.57
CA TYR D 15 -7.00 -7.45 -16.16
C TYR D 15 -5.52 -7.75 -16.00
N LEU D 16 -4.98 -8.63 -16.86
CA LEU D 16 -3.56 -8.93 -16.84
C LEU D 16 -2.73 -7.66 -17.03
N ARG D 17 -3.25 -6.85 -18.04
CA ARG D 17 -2.57 -5.56 -18.33
C ARG D 17 -2.49 -4.72 -17.05
N GLU D 18 -3.48 -4.73 -16.22
CA GLU D 18 -3.52 -3.80 -15.06
C GLU D 18 -2.77 -4.42 -13.88
N MET D 19 -2.61 -5.74 -13.91
CA MET D 19 -1.96 -6.44 -12.77
C MET D 19 -0.44 -6.41 -12.98
N GLU D 20 -0.01 -6.35 -14.25
CA GLU D 20 1.44 -6.33 -14.57
C GLU D 20 2.08 -5.02 -14.11
N VAL D 21 1.27 -3.98 -13.87
CA VAL D 21 1.79 -2.67 -13.43
C VAL D 21 1.87 -2.69 -11.90
N LYS D 22 0.96 -3.56 -11.31
CA LYS D 22 0.96 -3.72 -9.83
C LYS D 22 2.14 -4.60 -9.41
N CYS D 23 2.42 -5.63 -10.14
CA CYS D 23 3.49 -6.60 -9.81
C CYS D 23 4.79 -6.18 -10.49
N LYS D 24 4.91 -4.90 -10.87
CA LYS D 24 6.12 -4.41 -11.55
C LYS D 24 7.14 -3.96 -10.51
N PRO D 25 8.37 -4.54 -10.52
CA PRO D 25 9.40 -4.15 -9.57
C PRO D 25 9.93 -2.76 -9.81
N LYS D 26 10.54 -2.16 -8.80
CA LYS D 26 11.16 -0.86 -9.01
C LYS D 26 12.33 -1.00 -9.99
N VAL D 27 12.27 -0.31 -11.15
CA VAL D 27 13.36 -0.32 -12.12
C VAL D 27 14.64 0.20 -11.45
N GLY D 28 15.78 -0.43 -11.73
CA GLY D 28 17.03 -0.06 -11.07
C GLY D 28 16.91 -0.04 -9.54
N TYR D 29 16.44 -1.14 -8.97
CA TYR D 29 16.51 -1.35 -7.54
C TYR D 29 17.94 -1.76 -7.19
N MET D 30 18.70 -2.25 -8.17
CA MET D 30 20.04 -2.81 -7.86
C MET D 30 20.99 -1.69 -7.40
N LYS D 31 20.67 -0.44 -7.71
CA LYS D 31 21.54 0.68 -7.34
C LYS D 31 21.33 1.03 -5.87
N LYS D 32 20.20 0.61 -5.30
CA LYS D 32 19.94 0.85 -3.86
C LYS D 32 20.38 -0.39 -3.08
N GLN D 33 20.75 -1.45 -3.79
CA GLN D 33 21.28 -2.68 -3.16
C GLN D 33 22.78 -2.49 -2.95
N PRO D 34 23.27 -2.38 -1.71
CA PRO D 34 24.69 -2.07 -1.48
C PRO D 34 25.60 -3.25 -1.82
N ASP D 35 25.05 -4.46 -1.76
CA ASP D 35 25.96 -5.59 -1.81
C ASP D 35 25.82 -6.43 -3.07
N ILE D 36 24.69 -6.39 -3.77
CA ILE D 36 24.49 -7.21 -4.94
C ILE D 36 24.37 -6.32 -6.19
N THR D 37 24.51 -6.94 -7.38
CA THR D 37 24.58 -6.26 -8.67
C THR D 37 23.78 -7.02 -9.71
N ASN D 38 23.57 -6.42 -10.90
CA ASN D 38 22.82 -7.09 -11.96
C ASN D 38 23.54 -8.37 -12.40
N SER D 39 24.87 -8.35 -12.33
CA SER D 39 25.70 -9.47 -12.72
C SER D 39 25.39 -10.69 -11.84
N MET D 40 25.30 -10.45 -10.53
CA MET D 40 24.94 -11.49 -9.57
C MET D 40 23.52 -11.97 -9.90
N ARG D 41 22.63 -11.01 -10.21
CA ARG D 41 21.24 -11.39 -10.46
C ARG D 41 21.21 -12.32 -11.68
N ALA D 42 22.05 -12.00 -12.67
CA ALA D 42 22.18 -12.75 -13.91
C ALA D 42 22.53 -14.21 -13.60
N ILE D 43 23.53 -14.40 -12.73
CA ILE D 43 23.94 -15.72 -12.28
C ILE D 43 22.77 -16.48 -11.65
N LEU D 44 22.01 -15.80 -10.79
CA LEU D 44 20.89 -16.36 -10.06
C LEU D 44 19.81 -16.83 -11.03
N VAL D 45 19.51 -16.00 -12.02
CA VAL D 45 18.46 -16.33 -12.97
C VAL D 45 18.91 -17.45 -13.90
N ASP D 46 20.18 -17.45 -14.30
CA ASP D 46 20.66 -18.57 -15.09
C ASP D 46 20.57 -19.85 -14.27
N TRP D 47 20.92 -19.75 -12.97
CA TRP D 47 20.83 -20.94 -12.14
C TRP D 47 19.40 -21.44 -12.08
N LEU D 48 18.45 -20.50 -11.96
CA LEU D 48 17.04 -20.88 -11.94
C LEU D 48 16.63 -21.68 -13.20
N VAL D 49 17.15 -21.28 -14.37
CA VAL D 49 16.83 -21.96 -15.63
C VAL D 49 17.24 -23.43 -15.54
N GLU D 50 18.47 -23.68 -15.07
CA GLU D 50 18.97 -25.04 -14.95
C GLU D 50 18.10 -25.86 -14.01
N VAL D 51 17.71 -25.21 -12.89
CA VAL D 51 16.83 -25.81 -11.90
C VAL D 51 15.52 -26.22 -12.56
N GLY D 52 14.92 -25.27 -13.27
CA GLY D 52 13.76 -25.54 -14.09
C GLY D 52 13.91 -26.80 -14.93
N GLU D 53 15.03 -26.95 -15.66
CA GLU D 53 15.29 -28.08 -16.55
C GLU D 53 15.50 -29.35 -15.75
N GLU D 54 16.36 -29.29 -14.73
CA GLU D 54 16.60 -30.45 -13.89
C GLU D 54 15.27 -31.04 -13.44
N TYR D 55 14.33 -30.19 -12.99
CA TYR D 55 13.11 -30.67 -12.36
C TYR D 55 11.93 -30.70 -13.31
N LYS D 56 12.18 -30.35 -14.59
CA LYS D 56 11.18 -30.35 -15.66
C LYS D 56 9.99 -29.46 -15.29
N LEU D 57 10.24 -28.31 -14.66
CA LEU D 57 9.17 -27.39 -14.30
C LEU D 57 8.69 -26.63 -15.52
N GLN D 58 7.47 -26.09 -15.40
CA GLN D 58 6.91 -25.22 -16.41
C GLN D 58 7.75 -23.96 -16.50
N ASN D 59 7.82 -23.41 -17.72
CA ASN D 59 8.45 -22.12 -17.99
C ASN D 59 7.73 -21.00 -17.22
N GLU D 60 6.43 -21.21 -17.00
CA GLU D 60 5.62 -20.26 -16.26
C GLU D 60 6.20 -20.12 -14.85
N THR D 61 6.59 -21.26 -14.27
CA THR D 61 7.12 -21.31 -12.91
C THR D 61 8.39 -20.47 -12.82
N LEU D 62 9.24 -20.54 -13.86
CA LEU D 62 10.48 -19.78 -13.96
C LEU D 62 10.16 -18.28 -13.96
N HIS D 63 9.24 -17.86 -14.83
CA HIS D 63 8.97 -16.44 -14.97
C HIS D 63 8.44 -15.90 -13.65
N LEU D 64 7.59 -16.69 -12.97
CA LEU D 64 7.00 -16.30 -11.69
C LEU D 64 8.11 -16.08 -10.65
N ALA D 65 9.04 -17.04 -10.60
CA ALA D 65 10.14 -16.98 -9.64
C ALA D 65 10.89 -15.65 -9.80
N VAL D 66 11.23 -15.31 -11.05
CA VAL D 66 11.94 -14.07 -11.32
C VAL D 66 11.11 -12.84 -10.89
N ASN D 67 9.79 -12.86 -11.09
CA ASN D 67 8.94 -11.76 -10.64
C ASN D 67 9.03 -11.64 -9.11
N TYR D 68 8.94 -12.79 -8.40
CA TYR D 68 8.97 -12.80 -6.96
C TYR D 68 10.26 -12.19 -6.43
N ILE D 69 11.40 -12.56 -7.04
CA ILE D 69 12.75 -12.09 -6.69
C ILE D 69 12.88 -10.58 -6.87
N ASP D 70 12.53 -10.07 -8.05
CA ASP D 70 12.63 -8.64 -8.33
C ASP D 70 11.79 -7.84 -7.36
N ARG D 71 10.63 -8.35 -6.97
CA ARG D 71 9.76 -7.53 -6.09
C ARG D 71 10.32 -7.54 -4.65
N PHE D 72 10.95 -8.64 -4.25
CA PHE D 72 11.52 -8.76 -2.88
C PHE D 72 12.74 -7.88 -2.76
N LEU D 73 13.61 -7.93 -3.77
CA LEU D 73 14.86 -7.12 -3.78
C LEU D 73 14.51 -5.65 -4.03
N SER D 74 13.29 -5.36 -4.46
CA SER D 74 12.83 -3.97 -4.65
C SER D 74 12.44 -3.38 -3.28
N SER D 75 12.34 -4.23 -2.25
CA SER D 75 11.92 -3.79 -0.91
C SER D 75 12.90 -4.23 0.18
N MET D 76 13.73 -5.23 -0.09
CA MET D 76 14.59 -5.77 0.99
C MET D 76 16.06 -5.84 0.58
N SER D 77 16.92 -5.27 1.41
CA SER D 77 18.38 -5.36 1.18
C SER D 77 18.83 -6.80 1.42
N VAL D 78 19.61 -7.36 0.50
CA VAL D 78 20.02 -8.75 0.68
C VAL D 78 21.52 -8.78 0.48
N LEU D 79 22.23 -9.45 1.39
CA LEU D 79 23.66 -9.64 1.23
C LEU D 79 23.88 -10.73 0.18
N ARG D 80 25.06 -10.69 -0.42
CA ARG D 80 25.47 -11.65 -1.44
C ARG D 80 25.24 -13.11 -1.03
N GLY D 81 25.57 -13.48 0.21
CA GLY D 81 25.54 -14.88 0.60
C GLY D 81 24.10 -15.34 0.82
N LYS D 82 23.15 -14.40 0.66
CA LYS D 82 21.77 -14.71 0.92
C LYS D 82 20.97 -14.67 -0.39
N LEU D 83 21.62 -14.28 -1.49
CA LEU D 83 20.93 -14.07 -2.76
C LEU D 83 20.29 -15.37 -3.25
N GLN D 84 21.09 -16.43 -3.25
CA GLN D 84 20.59 -17.72 -3.69
C GLN D 84 19.45 -18.20 -2.79
N LEU D 85 19.43 -17.74 -1.54
CA LEU D 85 18.42 -18.25 -0.64
C LEU D 85 17.09 -17.58 -0.98
N VAL D 86 17.15 -16.32 -1.40
CA VAL D 86 15.95 -15.65 -1.86
C VAL D 86 15.41 -16.39 -3.08
N GLY D 87 16.30 -16.67 -4.04
CA GLY D 87 16.00 -17.33 -5.31
C GLY D 87 15.36 -18.70 -5.11
N THR D 88 15.94 -19.56 -4.25
CA THR D 88 15.44 -20.90 -3.97
C THR D 88 14.02 -20.74 -3.42
N ALA D 89 13.85 -19.80 -2.47
CA ALA D 89 12.56 -19.62 -1.84
C ALA D 89 11.53 -19.18 -2.87
N ALA D 90 11.93 -18.32 -3.81
CA ALA D 90 11.01 -17.88 -4.87
C ALA D 90 10.62 -19.06 -5.78
N MET D 91 11.60 -19.93 -6.10
CA MET D 91 11.33 -21.04 -6.99
C MET D 91 10.35 -21.99 -6.29
N LEU D 92 10.52 -22.15 -4.98
CA LEU D 92 9.67 -23.02 -4.22
C LEU D 92 8.25 -22.47 -4.25
N LEU D 93 8.12 -21.17 -3.94
CA LEU D 93 6.81 -20.54 -3.96
C LEU D 93 6.16 -20.62 -5.34
N ALA D 94 6.93 -20.32 -6.38
CA ALA D 94 6.39 -20.39 -7.73
C ALA D 94 5.93 -21.81 -8.06
N SER D 95 6.68 -22.82 -7.58
CA SER D 95 6.33 -24.21 -7.82
C SER D 95 5.02 -24.57 -7.13
N LYS D 96 4.90 -24.16 -5.86
CA LYS D 96 3.70 -24.42 -5.07
C LYS D 96 2.50 -23.82 -5.78
N PHE D 97 2.64 -22.58 -6.26
CA PHE D 97 1.57 -21.87 -6.94
C PHE D 97 1.18 -22.56 -8.25
N GLU D 98 2.18 -22.89 -9.09
CA GLU D 98 1.93 -23.13 -10.51
C GLU D 98 1.99 -24.63 -10.85
N GLU D 99 2.73 -25.44 -10.09
CA GLU D 99 2.96 -26.78 -10.57
C GLU D 99 1.94 -27.75 -10.00
N ILE D 100 1.48 -28.71 -10.82
CA ILE D 100 0.63 -29.81 -10.37
C ILE D 100 1.39 -30.65 -9.33
N TYR D 101 2.64 -30.99 -9.67
CA TYR D 101 3.46 -31.85 -8.86
C TYR D 101 4.76 -31.12 -8.53
N PRO D 102 4.71 -30.06 -7.68
CA PRO D 102 5.91 -29.31 -7.34
C PRO D 102 6.91 -30.24 -6.66
N PRO D 103 8.22 -30.03 -6.87
CA PRO D 103 9.24 -30.84 -6.21
C PRO D 103 9.11 -30.53 -4.73
N GLU D 104 9.49 -31.51 -3.89
CA GLU D 104 9.46 -31.36 -2.45
C GLU D 104 10.46 -30.32 -1.96
N VAL D 105 10.28 -29.92 -0.69
CA VAL D 105 11.14 -28.89 -0.12
C VAL D 105 12.58 -29.40 -0.08
N ALA D 106 12.76 -30.69 0.22
CA ALA D 106 14.07 -31.34 0.29
C ALA D 106 14.83 -31.16 -1.02
N GLU D 107 14.13 -31.18 -2.16
CA GLU D 107 14.78 -30.95 -3.44
C GLU D 107 15.29 -29.51 -3.52
N PHE D 108 14.58 -28.58 -2.89
CA PHE D 108 15.03 -27.21 -3.04
C PHE D 108 16.30 -26.99 -2.21
N VAL D 109 16.48 -27.83 -1.19
CA VAL D 109 17.69 -27.76 -0.37
C VAL D 109 18.84 -28.40 -1.11
N TYR D 110 18.56 -29.50 -1.80
CA TYR D 110 19.57 -30.29 -2.47
C TYR D 110 20.25 -29.43 -3.53
N ILE D 111 19.45 -28.68 -4.30
CA ILE D 111 19.99 -27.87 -5.38
C ILE D 111 20.91 -26.74 -4.89
N THR D 112 20.83 -26.31 -3.63
CA THR D 112 21.73 -25.28 -3.14
C THR D 112 23.03 -25.88 -2.58
N ASP D 113 23.24 -27.19 -2.82
CA ASP D 113 24.46 -27.93 -2.45
C ASP D 113 24.74 -27.68 -0.97
N ASP D 114 23.66 -27.78 -0.18
CA ASP D 114 23.67 -27.60 1.25
C ASP D 114 24.36 -26.28 1.65
N THR D 115 24.31 -25.26 0.78
CA THR D 115 24.64 -23.90 1.17
C THR D 115 23.71 -23.47 2.31
N TYR D 116 22.42 -23.89 2.26
CA TYR D 116 21.41 -23.48 3.22
C TYR D 116 20.71 -24.69 3.84
N THR D 117 20.16 -24.53 5.06
CA THR D 117 19.31 -25.50 5.75
C THR D 117 17.89 -25.51 5.17
N LYS D 118 17.19 -26.61 5.38
CA LYS D 118 15.75 -26.66 5.13
C LYS D 118 15.04 -25.56 5.92
N LYS D 119 15.37 -25.40 7.22
CA LYS D 119 14.78 -24.36 8.05
C LYS D 119 14.97 -22.98 7.42
N GLN D 120 16.17 -22.69 6.90
CA GLN D 120 16.42 -21.42 6.24
C GLN D 120 15.57 -21.28 4.98
N VAL D 121 15.33 -22.38 4.27
CA VAL D 121 14.53 -22.28 3.07
C VAL D 121 13.08 -21.98 3.48
N LEU D 122 12.55 -22.70 4.46
CA LEU D 122 11.18 -22.51 4.89
C LEU D 122 10.95 -21.13 5.51
N ARG D 123 11.91 -20.68 6.32
CA ARG D 123 11.83 -19.35 6.89
C ARG D 123 11.84 -18.25 5.82
N MET D 124 12.70 -18.39 4.79
CA MET D 124 12.73 -17.45 3.70
C MET D 124 11.40 -17.45 2.97
N GLU D 125 10.79 -18.65 2.83
CA GLU D 125 9.53 -18.77 2.12
C GLU D 125 8.50 -17.90 2.82
N HIS D 126 8.48 -18.02 4.15
CA HIS D 126 7.65 -17.18 5.00
C HIS D 126 7.96 -15.70 4.73
N LEU D 127 9.25 -15.33 4.75
CA LEU D 127 9.61 -13.94 4.63
C LEU D 127 9.16 -13.44 3.28
N VAL D 128 9.32 -14.29 2.25
CA VAL D 128 8.99 -13.86 0.90
C VAL D 128 7.49 -13.59 0.79
N LEU D 129 6.68 -14.46 1.39
CA LEU D 129 5.23 -14.32 1.38
C LEU D 129 4.82 -13.02 2.07
N LYS D 130 5.48 -12.69 3.17
CA LYS D 130 5.17 -11.50 3.93
C LYS D 130 5.53 -10.23 3.13
N VAL D 131 6.66 -10.27 2.46
CA VAL D 131 7.09 -9.04 1.80
C VAL D 131 6.22 -8.75 0.58
N LEU D 132 5.81 -9.81 -0.14
CA LEU D 132 4.91 -9.70 -1.27
C LEU D 132 3.46 -9.66 -0.81
N ALA D 133 3.18 -9.84 0.49
CA ALA D 133 1.82 -9.82 0.98
C ALA D 133 0.97 -10.86 0.23
N PHE D 134 1.58 -12.01 -0.09
CA PHE D 134 0.97 -13.16 -0.76
C PHE D 134 0.42 -12.81 -2.13
N ASP D 135 0.87 -11.72 -2.78
CA ASP D 135 0.41 -11.40 -4.13
C ASP D 135 1.22 -12.21 -5.14
N LEU D 136 0.84 -13.48 -5.31
CA LEU D 136 1.71 -14.37 -6.07
C LEU D 136 1.25 -14.49 -7.52
N ALA D 137 0.01 -14.07 -7.83
CA ALA D 137 -0.54 -14.30 -9.16
C ALA D 137 -0.08 -13.21 -10.12
N ALA D 138 1.23 -13.13 -10.36
CA ALA D 138 1.85 -12.13 -11.23
C ALA D 138 1.64 -12.48 -12.70
N PRO D 139 1.16 -11.55 -13.55
CA PRO D 139 1.17 -11.79 -15.00
C PRO D 139 2.62 -11.86 -15.48
N THR D 140 2.89 -12.75 -16.44
CA THR D 140 4.23 -13.04 -16.90
C THR D 140 4.31 -12.82 -18.41
N ILE D 141 5.54 -12.87 -18.91
CA ILE D 141 5.77 -12.79 -20.34
C ILE D 141 5.02 -13.93 -21.04
N ASN D 142 5.10 -15.14 -20.46
CA ASN D 142 4.47 -16.33 -21.01
C ASN D 142 2.96 -16.19 -21.12
N GLN D 143 2.36 -15.47 -20.16
CA GLN D 143 0.93 -15.35 -20.11
C GLN D 143 0.46 -14.50 -21.28
N PHE D 144 1.29 -13.53 -21.69
CA PHE D 144 0.97 -12.77 -22.89
C PHE D 144 1.20 -13.60 -24.14
N LEU D 145 2.40 -14.20 -24.25
CA LEU D 145 2.79 -14.99 -25.42
C LEU D 145 1.70 -15.99 -25.80
N THR D 146 1.17 -16.73 -24.80
CA THR D 146 0.32 -17.87 -25.10
C THR D 146 -0.96 -17.38 -25.75
N GLN D 147 -1.30 -16.12 -25.43
CA GLN D 147 -2.45 -15.45 -26.01
C GLN D 147 -2.12 -14.93 -27.40
N TYR D 148 -0.92 -14.36 -27.55
CA TYR D 148 -0.48 -13.79 -28.82
C TYR D 148 -0.39 -14.91 -29.85
N PHE D 149 0.03 -16.10 -29.42
CA PHE D 149 0.16 -17.25 -30.30
C PHE D 149 -1.16 -17.56 -30.99
N LEU D 150 -2.27 -17.25 -30.30
CA LEU D 150 -3.59 -17.56 -30.84
C LEU D 150 -3.89 -16.72 -32.09
N HIS D 151 -2.93 -15.88 -32.51
CA HIS D 151 -3.13 -15.06 -33.69
C HIS D 151 -2.15 -15.47 -34.78
N GLN D 152 -1.54 -16.65 -34.63
CA GLN D 152 -0.62 -17.15 -35.64
C GLN D 152 -1.37 -17.60 -36.90
N GLN D 153 -0.75 -17.37 -38.07
CA GLN D 153 -1.30 -17.81 -39.34
C GLN D 153 -0.25 -18.53 -40.17
N PRO D 154 -0.21 -19.89 -40.11
CA PRO D 154 -0.82 -20.64 -39.00
C PRO D 154 0.16 -20.84 -37.84
N ALA D 155 -0.22 -21.67 -36.86
CA ALA D 155 0.62 -21.95 -35.72
C ALA D 155 1.97 -22.52 -36.19
N ASN D 156 3.06 -21.93 -35.70
CA ASN D 156 4.40 -22.38 -36.07
C ASN D 156 5.22 -22.62 -34.80
N CYS D 157 5.79 -23.82 -34.66
CA CYS D 157 6.41 -24.23 -33.39
C CYS D 157 7.90 -23.90 -33.35
N LYS D 158 8.47 -23.51 -34.51
CA LYS D 158 9.73 -22.80 -34.51
C LYS D 158 9.52 -21.38 -33.96
N VAL D 159 8.44 -20.71 -34.41
CA VAL D 159 8.10 -19.37 -33.99
C VAL D 159 7.85 -19.38 -32.48
N GLU D 160 6.91 -20.21 -32.04
CA GLU D 160 6.55 -20.38 -30.63
C GLU D 160 7.79 -20.59 -29.77
N SER D 161 8.46 -21.72 -30.01
CA SER D 161 9.72 -22.00 -29.34
C SER D 161 10.65 -20.79 -29.37
N LEU D 162 10.84 -20.15 -30.53
CA LEU D 162 11.77 -19.04 -30.61
C LEU D 162 11.28 -17.85 -29.77
N ALA D 163 9.97 -17.58 -29.72
CA ALA D 163 9.52 -16.44 -28.93
C ALA D 163 9.66 -16.73 -27.43
N MET D 164 9.46 -18.00 -27.02
CA MET D 164 9.68 -18.42 -25.64
C MET D 164 11.14 -18.18 -25.25
N PHE D 165 12.06 -18.60 -26.14
CA PHE D 165 13.49 -18.42 -25.97
C PHE D 165 13.85 -16.95 -25.75
N LEU D 166 13.43 -16.06 -26.64
CA LEU D 166 13.77 -14.64 -26.52
C LEU D 166 13.24 -14.08 -25.21
N GLY D 167 11.98 -14.41 -24.91
CA GLY D 167 11.34 -14.01 -23.67
C GLY D 167 12.20 -14.30 -22.44
N GLU D 168 12.71 -15.54 -22.34
CA GLU D 168 13.45 -16.00 -21.18
C GLU D 168 14.78 -15.25 -21.10
N LEU D 169 15.41 -15.02 -22.28
CA LEU D 169 16.64 -14.26 -22.38
C LEU D 169 16.53 -12.95 -21.61
N SER D 170 15.38 -12.28 -21.73
CA SER D 170 15.17 -10.99 -21.09
C SER D 170 15.19 -11.10 -19.56
N LEU D 171 14.84 -12.27 -18.98
CA LEU D 171 14.84 -12.49 -17.54
C LEU D 171 16.24 -12.30 -16.95
N ILE D 172 17.30 -12.64 -17.73
CA ILE D 172 18.66 -12.64 -17.21
C ILE D 172 19.14 -11.22 -16.89
N ASP D 173 18.81 -10.29 -17.77
CA ASP D 173 19.39 -8.93 -17.67
C ASP D 173 18.38 -7.90 -17.14
N ALA D 174 18.55 -7.51 -15.89
CA ALA D 174 17.69 -6.47 -15.28
C ALA D 174 17.81 -5.22 -16.13
N ASP D 175 19.03 -4.92 -16.56
CA ASP D 175 19.22 -3.80 -17.51
C ASP D 175 19.35 -4.45 -18.90
N PRO D 176 18.37 -4.24 -19.80
CA PRO D 176 17.34 -3.26 -19.55
C PRO D 176 15.90 -3.68 -19.38
N TYR D 177 15.65 -4.97 -19.18
CA TYR D 177 14.25 -5.48 -19.22
C TYR D 177 13.42 -5.13 -17.99
N LEU D 178 14.02 -4.64 -16.92
CA LEU D 178 13.18 -4.21 -15.79
C LEU D 178 12.42 -2.95 -16.19
N LYS D 179 12.83 -2.31 -17.29
CA LYS D 179 12.19 -1.04 -17.73
C LYS D 179 10.95 -1.36 -18.55
N TYR D 180 10.84 -2.61 -18.98
CA TYR D 180 9.70 -3.00 -19.80
C TYR D 180 8.74 -3.90 -19.02
N LEU D 181 7.44 -3.72 -19.33
CA LEU D 181 6.35 -4.56 -18.85
C LEU D 181 6.39 -5.92 -19.55
N PRO D 182 5.99 -7.00 -18.84
CA PRO D 182 5.89 -8.32 -19.47
C PRO D 182 5.16 -8.30 -20.82
N SER D 183 4.09 -7.50 -20.94
CA SER D 183 3.26 -7.45 -22.13
C SER D 183 4.07 -6.98 -23.34
N VAL D 184 4.88 -5.93 -23.14
CA VAL D 184 5.70 -5.31 -24.17
C VAL D 184 6.83 -6.28 -24.57
N ILE D 185 7.48 -6.90 -23.57
CA ILE D 185 8.60 -7.77 -23.91
C ILE D 185 8.07 -8.92 -24.74
N ALA D 186 6.91 -9.45 -24.35
CA ALA D 186 6.30 -10.54 -25.09
C ALA D 186 5.97 -10.11 -26.54
N ALA D 187 5.47 -8.88 -26.70
CA ALA D 187 5.16 -8.37 -28.03
C ALA D 187 6.45 -8.34 -28.86
N ALA D 188 7.48 -7.71 -28.29
CA ALA D 188 8.78 -7.65 -28.92
C ALA D 188 9.28 -9.05 -29.24
N ALA D 189 9.14 -9.97 -28.29
CA ALA D 189 9.70 -11.29 -28.48
C ALA D 189 8.93 -12.05 -29.56
N PHE D 190 7.62 -11.75 -29.70
CA PHE D 190 6.79 -12.38 -30.71
C PHE D 190 7.10 -11.83 -32.10
N HIS D 191 7.16 -10.49 -32.22
CA HIS D 191 7.62 -9.92 -33.47
C HIS D 191 8.93 -10.56 -33.91
N LEU D 192 9.99 -10.37 -33.11
CA LEU D 192 11.32 -10.82 -33.50
C LEU D 192 11.29 -12.27 -33.97
N ALA D 193 10.63 -13.16 -33.20
CA ALA D 193 10.54 -14.58 -33.52
C ALA D 193 9.97 -14.82 -34.93
N LEU D 194 8.80 -14.25 -35.21
CA LEU D 194 8.16 -14.38 -36.55
C LEU D 194 9.17 -14.05 -37.64
N TYR D 195 9.69 -12.81 -37.63
CA TYR D 195 10.66 -12.35 -38.66
C TYR D 195 11.72 -13.41 -38.91
N THR D 196 12.40 -13.85 -37.85
CA THR D 196 13.52 -14.81 -38.01
C THR D 196 13.07 -16.08 -38.68
N VAL D 197 11.88 -16.58 -38.35
CA VAL D 197 11.46 -17.92 -38.89
C VAL D 197 10.67 -17.75 -40.20
N THR D 198 9.73 -16.81 -40.23
CA THR D 198 8.86 -16.66 -41.42
C THR D 198 9.09 -15.34 -42.09
N GLY D 199 9.30 -14.27 -41.32
CA GLY D 199 9.41 -12.94 -41.91
C GLY D 199 8.02 -12.37 -42.07
N GLN D 200 7.18 -12.51 -41.04
CA GLN D 200 5.76 -12.10 -41.18
C GLN D 200 5.46 -10.80 -40.43
N SER D 201 6.18 -10.50 -39.35
CA SER D 201 6.00 -9.22 -38.58
C SER D 201 4.77 -9.20 -37.67
N TRP D 202 4.85 -8.45 -36.57
CA TRP D 202 3.73 -8.30 -35.60
C TRP D 202 2.41 -8.24 -36.34
N PRO D 203 1.51 -9.22 -36.12
CA PRO D 203 0.23 -9.24 -36.81
C PRO D 203 -0.66 -8.08 -36.42
N GLU D 204 -1.51 -7.67 -37.44
CA GLU D 204 -2.45 -6.55 -37.22
C GLU D 204 -3.48 -7.00 -36.17
N SER D 205 -3.98 -8.19 -36.27
CA SER D 205 -4.90 -8.71 -35.27
C SER D 205 -4.38 -8.48 -33.84
N LEU D 206 -3.06 -8.54 -33.66
CA LEU D 206 -2.46 -8.36 -32.31
C LEU D 206 -2.28 -6.87 -32.00
N VAL D 207 -2.24 -6.02 -33.01
CA VAL D 207 -2.18 -4.56 -32.76
C VAL D 207 -3.53 -4.17 -32.15
N GLN D 208 -4.57 -4.75 -32.58
CA GLN D 208 -5.93 -4.47 -32.15
C GLN D 208 -6.11 -4.87 -30.69
N LYS D 209 -5.53 -6.02 -30.31
CA LYS D 209 -5.66 -6.57 -28.96
C LYS D 209 -4.97 -5.63 -27.96
N THR D 210 -3.70 -5.33 -28.24
CA THR D 210 -2.75 -4.77 -27.29
C THR D 210 -2.65 -3.24 -27.43
N GLY D 211 -3.00 -2.69 -28.59
CA GLY D 211 -2.80 -1.28 -28.87
C GLY D 211 -1.31 -0.95 -28.97
N TYR D 212 -0.50 -1.99 -29.23
CA TYR D 212 0.94 -1.86 -29.40
C TYR D 212 1.25 -1.90 -30.89
N THR D 213 1.96 -0.88 -31.36
CA THR D 213 2.47 -0.86 -32.72
C THR D 213 3.98 -1.08 -32.69
N LEU D 214 4.55 -1.50 -33.83
CA LEU D 214 5.99 -1.59 -33.96
C LEU D 214 6.63 -0.25 -33.60
N GLU D 215 5.91 0.85 -33.82
CA GLU D 215 6.35 2.16 -33.33
C GLU D 215 6.57 2.07 -31.82
N THR D 216 5.51 1.72 -31.08
CA THR D 216 5.59 1.76 -29.63
C THR D 216 6.56 0.69 -29.12
N LEU D 217 6.76 -0.38 -29.90
CA LEU D 217 7.61 -1.50 -29.54
C LEU D 217 9.07 -1.35 -30.00
N LYS D 218 9.48 -0.16 -30.47
CA LYS D 218 10.82 0.01 -31.02
C LYS D 218 11.88 -0.16 -29.93
N PRO D 219 11.87 0.65 -28.83
CA PRO D 219 12.92 0.52 -27.82
C PRO D 219 13.19 -0.93 -27.46
N CYS D 220 12.13 -1.66 -27.09
CA CYS D 220 12.27 -3.02 -26.60
C CYS D 220 12.78 -3.92 -27.71
N LEU D 221 12.16 -3.80 -28.90
CA LEU D 221 12.63 -4.52 -30.07
C LEU D 221 14.14 -4.33 -30.21
N LEU D 222 14.59 -3.06 -30.19
CA LEU D 222 16.01 -2.73 -30.34
C LEU D 222 16.83 -3.51 -29.31
N ASP D 223 16.51 -3.33 -28.02
CA ASP D 223 17.22 -3.95 -26.91
C ASP D 223 17.32 -5.47 -27.07
N LEU D 224 16.20 -6.09 -27.49
CA LEU D 224 16.10 -7.54 -27.52
C LEU D 224 16.85 -8.11 -28.73
N HIS D 225 16.89 -7.30 -29.81
CA HIS D 225 17.60 -7.69 -31.01
C HIS D 225 19.08 -7.84 -30.67
N GLN D 226 19.60 -6.88 -29.89
CA GLN D 226 20.98 -6.90 -29.43
C GLN D 226 21.22 -8.09 -28.50
N THR D 227 20.33 -8.27 -27.52
CA THR D 227 20.42 -9.40 -26.61
C THR D 227 20.51 -10.68 -27.45
N TYR D 228 19.64 -10.81 -28.46
CA TYR D 228 19.65 -12.00 -29.29
C TYR D 228 21.01 -12.11 -29.96
N LEU D 229 21.49 -10.97 -30.44
CA LEU D 229 22.68 -10.91 -31.29
C LEU D 229 23.91 -11.30 -30.49
N ARG D 230 23.99 -10.81 -29.24
CA ARG D 230 25.14 -10.98 -28.38
C ARG D 230 25.02 -12.25 -27.53
N ALA D 231 23.91 -12.99 -27.68
CA ALA D 231 23.55 -14.14 -26.86
C ALA D 231 24.70 -15.13 -26.69
N PRO D 232 25.36 -15.62 -27.76
CA PRO D 232 26.47 -16.57 -27.62
C PRO D 232 27.72 -16.13 -26.85
N GLN D 233 27.84 -14.83 -26.56
CA GLN D 233 28.98 -14.28 -25.83
C GLN D 233 28.57 -13.93 -24.40
N HIS D 234 27.26 -13.95 -24.11
CA HIS D 234 26.80 -13.68 -22.76
C HIS D 234 27.45 -14.67 -21.79
N ALA D 235 27.73 -14.24 -20.55
CA ALA D 235 28.32 -15.12 -19.55
C ALA D 235 27.31 -16.18 -19.09
N GLN D 236 26.04 -15.97 -19.45
CA GLN D 236 24.96 -16.88 -19.11
C GLN D 236 24.48 -17.62 -20.36
N GLN D 237 24.56 -18.95 -20.28
CA GLN D 237 24.40 -19.86 -21.41
C GLN D 237 23.38 -20.97 -21.14
N SER D 238 22.74 -21.04 -19.97
CA SER D 238 21.75 -22.08 -19.72
C SER D 238 20.53 -22.03 -20.66
N ILE D 239 20.04 -20.83 -20.97
CA ILE D 239 18.87 -20.66 -21.80
C ILE D 239 19.15 -21.15 -23.21
N ARG D 240 20.27 -20.70 -23.78
CA ARG D 240 20.70 -21.20 -25.09
C ARG D 240 20.89 -22.71 -25.05
N GLU D 241 21.52 -23.22 -23.98
CA GLU D 241 21.71 -24.65 -23.76
C GLU D 241 20.38 -25.38 -23.80
N LYS D 242 19.43 -24.91 -22.98
CA LYS D 242 18.06 -25.39 -22.92
C LYS D 242 17.41 -25.49 -24.31
N TYR D 243 17.49 -24.42 -25.11
CA TYR D 243 16.75 -24.37 -26.37
C TYR D 243 17.55 -24.87 -27.58
N LYS D 244 18.61 -25.66 -27.34
CA LYS D 244 19.28 -26.38 -28.40
C LYS D 244 18.50 -27.68 -28.60
N ASN D 245 17.82 -28.08 -27.55
CA ASN D 245 17.14 -29.40 -27.52
C ASN D 245 16.01 -29.49 -28.54
N SER D 246 15.62 -30.70 -28.84
CA SER D 246 14.64 -30.96 -29.88
C SER D 246 13.22 -30.63 -29.41
N LYS D 247 13.04 -30.52 -28.09
CA LYS D 247 11.78 -30.16 -27.47
C LYS D 247 11.37 -28.75 -27.87
N TYR D 248 12.37 -27.87 -28.03
CA TYR D 248 12.18 -26.48 -28.46
C TYR D 248 12.62 -26.33 -29.92
N HIS D 249 12.87 -27.47 -30.59
CA HIS D 249 13.09 -27.52 -32.03
C HIS D 249 14.38 -26.79 -32.43
N GLY D 250 15.36 -26.76 -31.52
CA GLY D 250 16.72 -26.33 -31.78
C GLY D 250 16.91 -24.83 -32.05
N VAL D 251 15.98 -23.97 -31.62
CA VAL D 251 15.84 -22.61 -32.12
C VAL D 251 16.96 -21.67 -31.65
N SER D 252 17.58 -21.97 -30.51
CA SER D 252 18.76 -21.23 -30.09
C SER D 252 19.93 -21.40 -31.08
N LEU D 253 19.76 -22.25 -32.11
CA LEU D 253 20.79 -22.51 -33.11
C LEU D 253 20.51 -21.69 -34.37
N LEU D 254 19.39 -20.96 -34.40
CA LEU D 254 19.12 -20.12 -35.55
C LEU D 254 20.01 -18.89 -35.52
N ASN D 255 20.26 -18.32 -36.72
CA ASN D 255 20.93 -17.04 -36.85
C ASN D 255 19.90 -15.93 -36.62
N PRO D 256 20.19 -14.97 -35.70
CA PRO D 256 19.42 -13.73 -35.61
C PRO D 256 19.53 -12.94 -36.91
N PRO D 257 18.42 -12.32 -37.40
CA PRO D 257 18.49 -11.57 -38.64
C PRO D 257 19.37 -10.39 -38.24
N GLU D 258 20.32 -10.03 -39.11
CA GLU D 258 21.23 -8.94 -38.83
C GLU D 258 20.44 -7.63 -38.69
N THR D 259 19.25 -7.57 -39.32
CA THR D 259 18.53 -6.31 -39.42
C THR D 259 17.01 -6.50 -39.33
N LEU D 260 16.36 -5.53 -38.68
CA LEU D 260 14.91 -5.34 -38.61
C LEU D 260 14.56 -4.11 -39.45
N ASN D 261 13.37 -4.12 -40.07
CA ASN D 261 13.07 -3.12 -41.10
C ASN D 261 11.88 -2.24 -40.69
BR4 BYZ E . 18.51 4.64 14.59
BR4 BYZ E . 21.09 4.68 16.71
C4 BYZ E . 20.23 3.94 14.31
C4 BYZ E . 21.21 4.08 14.92
C5 BYZ E . 21.31 3.98 15.19
C5 BYZ E . 22.38 3.78 14.22
N1 BYZ E . 22.36 3.36 14.66
N1 BYZ E . 22.06 3.39 13.00
N2 BYZ E . 21.97 2.95 13.44
N2 BYZ E . 20.72 3.40 12.91
C3 BYZ E . 20.70 3.28 13.20
C3 BYZ E . 20.17 3.82 14.06
BR4 BYZ F . 19.23 41.35 31.00
C4 BYZ F . 19.08 39.66 31.80
C5 BYZ F . 19.94 39.11 32.75
N1 BYZ F . 19.51 37.91 33.08
N2 BYZ F . 18.38 37.70 32.37
C3 BYZ F . 18.10 38.72 31.59
BR4 BYZ G . 17.04 -7.20 19.84
C4 BYZ G . 16.09 -8.73 19.35
C5 BYZ G . 16.53 -9.70 18.45
N1 BYZ G . 15.62 -10.65 18.38
N2 BYZ G . 14.62 -10.27 19.19
C3 BYZ G . 14.87 -9.12 19.81
BR4 BYZ H . 38.76 24.74 7.05
C4 BYZ H . 38.92 23.03 7.81
C5 BYZ H . 39.25 21.84 7.14
N1 BYZ H . 39.27 20.85 8.03
N2 BYZ H . 38.96 21.36 9.24
C3 BYZ H . 38.72 22.68 9.15
BR4 BYZ I . 7.33 1.05 8.42
C4 BYZ I . 5.67 0.49 9.11
C5 BYZ I . 5.11 -0.79 9.04
N1 BYZ I . 3.92 -0.77 9.64
N2 BYZ I . 3.72 0.48 10.10
C3 BYZ I . 4.75 1.27 9.80
BR4 BYZ J . 15.95 -5.57 20.43
C4 BYZ J . 16.03 -4.05 21.52
C5 BYZ J . 16.15 -2.75 21.08
N1 BYZ J . 16.17 -1.97 22.14
N2 BYZ J . 16.08 -2.75 23.23
C3 BYZ J . 16.00 -4.03 22.90
BR4 BYZ K . -21.45 6.91 18.25
C4 BYZ K . -23.24 6.31 18.18
C5 BYZ K . -23.75 5.14 18.74
N1 BYZ K . -25.03 5.05 18.46
N2 BYZ K . -25.35 6.15 17.75
C3 BYZ K . -24.30 6.94 17.55
BR4 BYZ L . -21.42 9.60 20.46
C4 BYZ L . -22.65 8.66 21.51
C5 BYZ L . -23.86 8.08 21.10
N1 BYZ L . -24.43 7.48 22.15
N2 BYZ L . -23.61 7.68 23.21
C3 BYZ L . -22.52 8.37 22.87
BR4 BYZ M . -17.05 -21.61 6.77
BR4 BYZ M . -15.15 -19.25 5.56
C4 BYZ M . -17.39 -19.76 6.67
C4 BYZ M . -16.82 -18.99 6.37
C5 BYZ M . -18.53 -19.09 7.13
C5 BYZ M . -17.67 -19.98 6.87
N1 BYZ M . -18.40 -17.79 6.90
N1 BYZ M . -18.78 -19.42 7.36
N2 BYZ M . -17.22 -17.63 6.28
N2 BYZ M . -18.63 -18.11 7.19
C3 BYZ M . -16.57 -18.79 6.14
C3 BYZ M . -17.48 -17.81 6.58
BR4 BYZ N . -25.28 -41.78 -25.81
C4 BYZ N . -25.53 -43.16 -24.56
C5 BYZ N . -26.13 -43.04 -23.31
N1 BYZ N . -26.10 -44.23 -22.73
N2 BYZ N . -25.50 -45.10 -23.57
C3 BYZ N . -25.13 -44.49 -24.69
BR4 BYZ O . -9.84 -19.45 16.59
C4 BYZ O . -8.97 -18.29 17.78
C5 BYZ O . -9.47 -17.11 18.35
N1 BYZ O . -8.54 -16.57 19.12
N2 BYZ O . -7.46 -17.37 19.06
C3 BYZ O . -7.68 -18.42 18.27
BR4 BYZ P . 22.87 -18.80 -7.45
C4 BYZ P . 24.28 -20.02 -7.35
C5 BYZ P . 25.32 -20.01 -6.41
N1 BYZ P . 26.11 -21.05 -6.65
N2 BYZ P . 25.59 -21.71 -7.71
C3 BYZ P . 24.47 -21.11 -8.14
BR4 BYZ Q . 2.84 -17.48 6.89
C4 BYZ Q . 4.40 -16.73 7.60
C5 BYZ Q . 4.77 -16.71 8.95
N1 BYZ Q . 5.94 -16.10 9.05
N2 BYZ Q . 6.30 -15.75 7.81
C3 BYZ Q . 5.39 -16.11 6.92
#